data_2RCL
#
_entry.id   2RCL
#
_cell.length_a   63.382
_cell.length_b   105.291
_cell.length_c   162.389
_cell.angle_alpha   90.00
_cell.angle_beta   90.00
_cell.angle_gamma   90.00
#
_symmetry.space_group_name_H-M   'P 21 21 21'
#
loop_
_entity.id
_entity.type
_entity.pdbx_description
1 polymer 'Cytochrome P450 74A'
2 non-polymer 'PROTOPORPHYRIN IX CONTAINING FE'
3 non-polymer '(9Z)-11-[(2R,3S)-3-pentyloxiran-2-yl]undec-9-enoic acid'
4 non-polymer GLYCEROL
5 water water
#
_entity_poly.entity_id   1
_entity_poly.type   'polypeptide(L)'
_entity_poly.pdbx_seq_one_letter_code
;MAKKTSSGSETPDLTVATRTGSKDLPIRNIPGNYGLPIVGPIKDRWDYFYDQGAEEFFKSRIRKYNSTVYRVNMPPGAFI
AENPQVVALLDGKSFPVLFDVDKVEKKDLFTGTYMPSTELTGGYRILSYLDPSEPKHEKLKNLLFFLLKSSRNRIFPEFQ
ATYSELFDSLEKELSLKGKADFGGSSDGTAFNFLARAFYGTNPADTKLKADAPGLITKWVLFNLHPLLSIGLPRVIEEPL
IHTFSLPPALVKSDYQRLYEFFLESAGEILVEADKLGISREEATHNLLFATCFNTWGGMKILFPNMVKRIGRAGHQVHNR
LAEEIRSVIKSNGGELTMGAIEKMELTKSVVYECLRFEPPVTAQYGRAKKDLVIESHDAAFKVKAGEMLYGYQPLATRDP
KIFDRADEFVPERFVGEEGEKLLRHVLWSNGPETETPTVGNKQCAGKDFVVLVARLFVIEIFRRYDSFDIEVGTSPLGSS
VNFSSLRKASFHHHH
;
_entity_poly.pdbx_strand_id   A,B
#
loop_
_chem_comp.id
_chem_comp.type
_chem_comp.name
_chem_comp.formula
GOL non-polymer GLYCEROL 'C3 H8 O3'
HEM non-polymer 'PROTOPORPHYRIN IX CONTAINING FE' 'C34 H32 Fe N4 O4'
T25 non-polymer '(9Z)-11-[(2R,3S)-3-pentyloxiran-2-yl]undec-9-enoic acid' 'C18 H32 O3'
#
# COMPACT_ATOMS: atom_id res chain seq x y z
N LEU A 25 9.43 42.33 -16.39
CA LEU A 25 10.14 41.03 -16.55
C LEU A 25 10.71 40.89 -17.97
N PRO A 26 11.83 40.17 -18.12
CA PRO A 26 12.35 39.93 -19.46
C PRO A 26 11.41 39.03 -20.23
N ILE A 27 11.16 39.39 -21.50
CA ILE A 27 10.43 38.55 -22.43
C ILE A 27 11.33 37.37 -22.81
N ARG A 28 10.80 36.16 -22.69
CA ARG A 28 11.55 34.97 -23.07
C ARG A 28 10.82 34.22 -24.18
N ASN A 29 11.60 33.56 -25.02
CA ASN A 29 11.05 32.62 -25.96
C ASN A 29 10.52 31.43 -25.17
N ILE A 30 9.31 30.98 -25.47
CA ILE A 30 8.80 29.75 -24.85
C ILE A 30 9.62 28.53 -25.27
N PRO A 31 10.28 27.90 -24.30
CA PRO A 31 11.06 26.72 -24.62
C PRO A 31 10.20 25.47 -24.90
N GLY A 32 10.85 24.41 -25.36
CA GLY A 32 10.22 23.14 -25.60
C GLY A 32 9.97 22.93 -27.07
N ASN A 33 9.84 21.68 -27.48
CA ASN A 33 9.39 21.41 -28.83
C ASN A 33 8.46 20.21 -28.91
N TYR A 34 7.88 20.02 -30.07
CA TYR A 34 6.82 19.06 -30.20
C TYR A 34 7.37 17.81 -30.88
N GLY A 35 8.65 17.87 -31.19
CA GLY A 35 9.31 16.76 -31.87
C GLY A 35 8.78 16.58 -33.27
N LEU A 36 9.03 15.41 -33.84
CA LEU A 36 8.58 15.15 -35.19
C LEU A 36 7.10 14.80 -35.15
N PRO A 37 6.37 15.07 -36.25
CA PRO A 37 4.99 14.62 -36.45
C PRO A 37 4.79 13.13 -36.13
N ILE A 38 3.65 12.79 -35.51
CA ILE A 38 3.34 11.40 -35.08
C ILE A 38 4.29 10.90 -33.97
N VAL A 39 5.59 10.85 -34.25
CA VAL A 39 6.56 10.26 -33.33
C VAL A 39 6.81 11.12 -32.07
N GLY A 40 6.71 12.44 -32.21
CA GLY A 40 6.92 13.36 -31.09
C GLY A 40 5.88 13.12 -30.00
N PRO A 41 4.59 13.36 -30.32
CA PRO A 41 3.46 13.06 -29.44
C PRO A 41 3.43 11.65 -28.83
N ILE A 42 3.88 10.61 -29.54
CA ILE A 42 3.79 9.24 -29.01
C ILE A 42 4.80 9.05 -27.88
N LYS A 43 6.03 9.50 -28.13
CA LYS A 43 7.07 9.49 -27.12
C LYS A 43 6.69 10.33 -25.90
N ASP A 44 6.09 11.51 -26.11
CA ASP A 44 5.60 12.31 -24.99
C ASP A 44 4.49 11.60 -24.22
N ARG A 45 3.62 10.90 -24.94
CA ARG A 45 2.54 10.10 -24.37
C ARG A 45 3.04 8.88 -23.55
N TRP A 46 4.06 8.17 -24.06
CA TRP A 46 4.72 7.12 -23.26
C TRP A 46 5.35 7.67 -22.00
N ASP A 47 5.99 8.83 -22.11
CA ASP A 47 6.56 9.49 -20.95
C ASP A 47 5.44 9.75 -19.94
N TYR A 48 4.35 10.34 -20.41
CA TYR A 48 3.26 10.77 -19.55
C TYR A 48 2.58 9.60 -18.81
N PHE A 49 2.35 8.49 -19.52
CA PHE A 49 1.64 7.35 -18.96
C PHE A 49 2.56 6.30 -18.32
N TYR A 50 3.68 6.00 -18.96
CA TYR A 50 4.41 4.83 -18.53
C TYR A 50 5.77 5.10 -17.87
N ASP A 51 6.60 5.91 -18.54
CA ASP A 51 8.02 5.96 -18.24
C ASP A 51 8.39 7.02 -17.23
N GLN A 52 7.52 8.02 -17.07
CA GLN A 52 7.71 9.08 -16.08
C GLN A 52 6.51 9.24 -15.16
N GLY A 53 5.32 9.25 -15.74
CA GLY A 53 4.11 9.61 -14.99
C GLY A 53 3.97 11.12 -15.01
N ALA A 54 2.79 11.62 -14.70
CA ALA A 54 2.45 13.01 -14.99
C ALA A 54 3.32 14.02 -14.21
N GLU A 55 3.50 13.78 -12.92
CA GLU A 55 4.27 14.72 -12.13
C GLU A 55 5.72 14.85 -12.63
N GLU A 56 6.40 13.72 -12.75
CA GLU A 56 7.77 13.73 -13.22
C GLU A 56 7.88 14.15 -14.71
N PHE A 57 6.83 13.85 -15.49
CA PHE A 57 6.73 14.29 -16.88
C PHE A 57 6.85 15.84 -16.93
N PHE A 58 6.09 16.51 -16.07
CA PHE A 58 6.08 17.95 -16.05
C PHE A 58 7.32 18.54 -15.37
N LYS A 59 7.78 17.91 -14.30
CA LYS A 59 8.95 18.44 -13.59
C LYS A 59 10.29 18.19 -14.29
N SER A 60 10.45 17.02 -14.94
CA SER A 60 11.70 16.81 -15.65
C SER A 60 11.90 17.90 -16.72
N ARG A 61 10.82 18.33 -17.36
CA ARG A 61 10.90 19.37 -18.40
C ARG A 61 11.04 20.78 -17.85
N ILE A 62 10.49 21.04 -16.66
CA ILE A 62 10.80 22.30 -15.97
C ILE A 62 12.29 22.40 -15.71
N ARG A 63 12.90 21.31 -15.27
CA ARG A 63 14.33 21.31 -15.03
C ARG A 63 15.12 21.47 -16.30
N LYS A 64 14.77 20.71 -17.34
CA LYS A 64 15.46 20.77 -18.63
C LYS A 64 15.41 22.18 -19.24
N TYR A 65 14.21 22.72 -19.38
CA TYR A 65 14.01 24.02 -20.01
C TYR A 65 14.31 25.17 -19.08
N ASN A 66 14.41 24.89 -17.78
CA ASN A 66 14.62 25.92 -16.76
C ASN A 66 13.50 26.96 -16.87
N SER A 67 12.28 26.43 -16.96
CA SER A 67 11.11 27.26 -17.15
C SER A 67 9.90 26.51 -16.64
N THR A 68 8.98 27.25 -16.01
CA THR A 68 7.70 26.69 -15.62
C THR A 68 6.64 26.95 -16.69
N VAL A 69 7.05 27.54 -17.82
CA VAL A 69 6.21 27.76 -18.99
C VAL A 69 6.96 27.19 -20.20
N TYR A 70 6.37 26.19 -20.85
CA TYR A 70 6.97 25.58 -22.00
C TYR A 70 5.99 24.84 -22.90
N ARG A 71 6.45 24.52 -24.12
CA ARG A 71 5.69 23.77 -25.11
C ARG A 71 5.82 22.25 -24.92
N VAL A 72 4.70 21.54 -25.00
CA VAL A 72 4.70 20.10 -24.80
C VAL A 72 3.49 19.49 -25.50
N ASN A 73 3.60 18.28 -26.02
CA ASN A 73 2.43 17.52 -26.48
C ASN A 73 1.71 16.90 -25.31
N MET A 74 0.39 16.89 -25.37
CA MET A 74 -0.45 16.31 -24.34
C MET A 74 -1.25 15.14 -24.94
N PRO A 75 -1.53 14.09 -24.13
CA PRO A 75 -2.44 13.07 -24.66
C PRO A 75 -3.84 13.65 -24.90
N PRO A 76 -4.65 12.99 -25.75
CA PRO A 76 -4.43 11.69 -26.39
C PRO A 76 -3.67 11.69 -27.72
N GLY A 77 -3.71 12.79 -28.46
CA GLY A 77 -3.15 12.76 -29.80
C GLY A 77 -3.77 11.62 -30.59
N ALA A 78 -2.92 10.79 -31.22
CA ALA A 78 -3.35 9.66 -32.08
C ALA A 78 -4.51 10.08 -32.94
N PHE A 79 -5.58 9.29 -32.97
CA PHE A 79 -6.72 9.60 -33.84
C PHE A 79 -7.86 10.31 -33.10
N ILE A 80 -7.66 10.59 -31.82
CA ILE A 80 -8.71 11.12 -30.97
C ILE A 80 -8.66 12.67 -30.88
N ALA A 81 -7.46 13.21 -30.68
CA ALA A 81 -7.25 14.66 -30.72
C ALA A 81 -6.62 15.06 -32.06
N GLU A 82 -7.06 16.18 -32.62
CA GLU A 82 -6.48 16.69 -33.87
C GLU A 82 -5.12 17.35 -33.63
N ASN A 83 -4.97 17.95 -32.45
CA ASN A 83 -3.75 18.69 -32.14
C ASN A 83 -3.32 18.54 -30.68
N PRO A 84 -2.22 17.80 -30.42
CA PRO A 84 -1.71 17.58 -29.07
C PRO A 84 -0.84 18.73 -28.54
N GLN A 85 -0.54 19.70 -29.39
CA GLN A 85 0.34 20.80 -29.03
C GLN A 85 -0.26 21.81 -28.05
N VAL A 86 0.39 21.97 -26.89
CA VAL A 86 -0.04 23.00 -25.94
C VAL A 86 1.13 23.83 -25.41
N VAL A 87 0.77 24.93 -24.74
CA VAL A 87 1.69 25.64 -23.88
C VAL A 87 1.24 25.40 -22.43
N ALA A 88 2.14 24.76 -21.66
CA ALA A 88 1.94 24.41 -20.26
C ALA A 88 2.29 25.57 -19.34
N LEU A 89 1.43 25.80 -18.36
CA LEU A 89 1.61 26.85 -17.37
C LEU A 89 1.70 26.15 -16.03
N LEU A 90 2.84 26.24 -15.39
CA LEU A 90 3.13 25.29 -14.30
C LEU A 90 3.66 26.02 -13.08
N ASP A 91 3.07 27.17 -12.82
CA ASP A 91 3.36 27.91 -11.62
C ASP A 91 2.10 28.69 -11.31
N GLY A 92 2.01 29.20 -10.09
CA GLY A 92 0.79 29.80 -9.60
C GLY A 92 0.66 31.24 -10.00
N LYS A 93 1.63 31.76 -10.74
CA LYS A 93 1.53 33.12 -11.23
C LYS A 93 0.95 33.18 -12.66
N SER A 94 1.37 32.25 -13.52
CA SER A 94 0.92 32.17 -14.92
C SER A 94 -0.38 31.38 -15.09
N PHE A 95 -0.53 30.30 -14.32
CA PHE A 95 -1.73 29.46 -14.33
C PHE A 95 -3.09 30.23 -14.29
N PRO A 96 -3.26 31.21 -13.37
CA PRO A 96 -4.56 31.93 -13.33
C PRO A 96 -5.09 32.55 -14.63
N VAL A 97 -4.23 32.69 -15.64
CA VAL A 97 -4.69 33.13 -16.96
C VAL A 97 -5.83 32.23 -17.43
N LEU A 98 -5.78 30.96 -17.05
CA LEU A 98 -6.81 29.99 -17.42
C LEU A 98 -8.22 30.27 -16.85
N PHE A 99 -8.31 31.18 -15.89
CA PHE A 99 -9.61 31.55 -15.30
C PHE A 99 -10.19 32.73 -16.04
N ASP A 100 -9.33 33.47 -16.74
CA ASP A 100 -9.69 34.75 -17.33
C ASP A 100 -10.39 34.57 -18.67
N VAL A 101 -11.69 34.75 -18.63
CA VAL A 101 -12.57 34.52 -19.76
C VAL A 101 -12.44 35.61 -20.85
N ASP A 102 -11.94 36.79 -20.48
CA ASP A 102 -11.52 37.78 -21.48
C ASP A 102 -10.27 37.37 -22.26
N LYS A 103 -9.59 36.34 -21.80
CA LYS A 103 -8.31 35.95 -22.37
C LYS A 103 -8.33 34.57 -23.00
N VAL A 104 -9.06 33.63 -22.38
CA VAL A 104 -9.20 32.28 -22.95
C VAL A 104 -10.64 31.93 -23.26
N GLU A 105 -10.83 31.19 -24.34
CA GLU A 105 -12.09 30.58 -24.66
C GLU A 105 -12.16 29.26 -23.92
N LYS A 106 -13.35 28.92 -23.43
CA LYS A 106 -13.57 27.68 -22.71
C LYS A 106 -14.67 26.82 -23.38
N LYS A 107 -14.53 26.64 -24.69
CA LYS A 107 -15.53 25.91 -25.47
C LYS A 107 -14.97 24.58 -25.89
N ASP A 108 -15.68 23.51 -25.51
CA ASP A 108 -15.35 22.14 -25.96
C ASP A 108 -13.98 21.60 -25.50
N LEU A 109 -13.48 22.06 -24.36
CA LEU A 109 -12.13 21.66 -23.89
C LEU A 109 -12.08 21.27 -22.41
N PHE A 110 -13.26 20.96 -21.87
CA PHE A 110 -13.40 20.41 -20.54
C PHE A 110 -12.45 19.21 -20.39
N THR A 111 -12.34 18.38 -21.41
CA THR A 111 -11.47 17.19 -21.31
C THR A 111 -10.15 17.38 -22.08
N GLY A 112 -9.87 18.62 -22.49
CA GLY A 112 -8.64 18.94 -23.19
C GLY A 112 -8.69 19.07 -24.71
N THR A 113 -7.68 18.52 -25.39
CA THR A 113 -7.45 18.65 -26.83
C THR A 113 -8.42 17.83 -27.70
N TYR A 114 -9.23 16.99 -27.04
CA TYR A 114 -10.30 16.24 -27.68
C TYR A 114 -11.59 16.43 -26.86
N MET A 115 -12.73 16.10 -27.47
CA MET A 115 -14.03 16.16 -26.79
C MET A 115 -14.79 14.83 -26.94
N PRO A 116 -15.26 14.25 -25.82
CA PRO A 116 -16.10 13.04 -26.00
C PRO A 116 -17.32 13.30 -26.89
N SER A 117 -17.68 12.32 -27.70
CA SER A 117 -18.84 12.40 -28.56
C SER A 117 -20.10 12.82 -27.81
N THR A 118 -20.89 13.70 -28.41
CA THR A 118 -22.19 14.05 -27.87
C THR A 118 -23.16 12.87 -27.91
N GLU A 119 -22.81 11.78 -28.59
CA GLU A 119 -23.58 10.52 -28.49
C GLU A 119 -23.59 10.05 -27.06
N LEU A 120 -22.55 10.41 -26.31
CA LEU A 120 -22.41 9.97 -24.95
C LEU A 120 -23.31 10.74 -24.00
N THR A 121 -23.84 11.87 -24.47
CA THR A 121 -24.61 12.78 -23.62
C THR A 121 -25.95 13.19 -24.26
N GLY A 122 -26.59 12.24 -24.96
CA GLY A 122 -27.90 12.45 -25.54
C GLY A 122 -27.93 13.37 -26.75
N GLY A 123 -26.77 13.63 -27.35
CA GLY A 123 -26.71 14.51 -28.50
C GLY A 123 -26.45 15.97 -28.13
N TYR A 124 -26.42 16.29 -26.82
CA TYR A 124 -26.20 17.65 -26.33
C TYR A 124 -24.75 17.97 -26.03
N ARG A 125 -24.37 19.23 -26.29
CA ARG A 125 -23.15 19.78 -25.70
C ARG A 125 -23.54 20.26 -24.31
N ILE A 126 -23.12 19.47 -23.32
CA ILE A 126 -23.45 19.65 -21.92
C ILE A 126 -22.79 20.92 -21.34
N LEU A 127 -23.34 21.43 -20.24
CA LEU A 127 -22.87 22.67 -19.62
C LEU A 127 -21.35 22.82 -19.49
N SER A 128 -20.64 21.78 -19.06
CA SER A 128 -19.20 21.83 -18.83
C SER A 128 -18.38 22.15 -20.08
N TYR A 129 -18.98 21.99 -21.27
CA TYR A 129 -18.31 22.22 -22.54
C TYR A 129 -18.65 23.59 -23.15
N LEU A 130 -19.57 24.31 -22.53
CA LEU A 130 -20.03 25.58 -23.11
C LEU A 130 -19.24 26.78 -22.60
N ASP A 131 -18.90 27.66 -23.53
CA ASP A 131 -18.26 28.91 -23.21
C ASP A 131 -19.29 29.85 -22.56
N PRO A 132 -18.86 30.68 -21.58
CA PRO A 132 -19.79 31.64 -20.96
C PRO A 132 -20.52 32.54 -21.97
N SER A 133 -19.96 32.71 -23.18
CA SER A 133 -20.58 33.53 -24.21
C SER A 133 -21.74 32.82 -24.91
N GLU A 134 -21.93 31.53 -24.62
CA GLU A 134 -23.10 30.81 -25.11
C GLU A 134 -24.25 31.03 -24.11
N PRO A 135 -25.40 31.53 -24.59
CA PRO A 135 -26.55 31.76 -23.68
C PRO A 135 -26.99 30.56 -22.82
N LYS A 136 -26.94 29.34 -23.35
CA LYS A 136 -27.33 28.16 -22.57
C LYS A 136 -26.40 27.89 -21.40
N HIS A 137 -25.18 28.40 -21.47
CA HIS A 137 -24.27 28.33 -20.33
C HIS A 137 -24.85 29.04 -19.09
N GLU A 138 -25.39 30.24 -19.29
CA GLU A 138 -26.14 30.97 -18.24
C GLU A 138 -27.39 30.24 -17.69
N LYS A 139 -28.20 29.65 -18.58
CA LYS A 139 -29.40 28.94 -18.19
C LYS A 139 -29.08 27.69 -17.37
N LEU A 140 -28.14 26.89 -17.88
CA LEU A 140 -27.80 25.61 -17.26
C LEU A 140 -27.07 25.76 -15.94
N LYS A 141 -26.15 26.74 -15.87
CA LYS A 141 -25.47 27.03 -14.61
C LYS A 141 -26.44 27.54 -13.53
N ASN A 142 -27.34 28.44 -13.90
CA ASN A 142 -28.39 28.89 -12.99
C ASN A 142 -29.26 27.71 -12.51
N LEU A 143 -29.50 26.73 -13.39
CA LEU A 143 -30.24 25.52 -13.00
C LEU A 143 -29.57 24.72 -11.88
N LEU A 144 -28.24 24.53 -12.00
CA LEU A 144 -27.43 23.86 -11.00
C LEU A 144 -27.33 24.68 -9.71
N PHE A 145 -27.25 26.02 -9.82
CA PHE A 145 -27.28 26.86 -8.63
C PHE A 145 -28.58 26.57 -7.86
N PHE A 146 -29.71 26.50 -8.58
CA PHE A 146 -30.99 26.15 -8.00
C PHE A 146 -30.99 24.75 -7.43
N LEU A 147 -30.53 23.76 -8.19
CA LEU A 147 -30.39 22.39 -7.67
C LEU A 147 -29.75 22.41 -6.27
N LEU A 148 -28.63 23.13 -6.15
CA LEU A 148 -27.82 23.11 -4.93
C LEU A 148 -28.50 23.85 -3.80
N LYS A 149 -28.99 25.05 -4.09
CA LYS A 149 -29.69 25.87 -3.09
C LYS A 149 -30.96 25.22 -2.56
N SER A 150 -31.74 24.58 -3.44
CA SER A 150 -32.97 23.92 -3.03
C SER A 150 -32.77 22.60 -2.25
N SER A 151 -31.52 22.15 -2.15
N SER A 151 -31.52 22.17 -2.12
CA SER A 151 -31.17 20.94 -1.40
CA SER A 151 -31.18 20.95 -1.41
C SER A 151 -30.53 21.21 -0.04
C SER A 151 -30.49 21.21 -0.06
N ARG A 152 -30.37 22.49 0.29
CA ARG A 152 -29.65 22.92 1.51
C ARG A 152 -30.11 22.29 2.83
N ASN A 153 -31.40 22.01 2.95
CA ASN A 153 -31.91 21.43 4.19
C ASN A 153 -31.90 19.91 4.22
N ARG A 154 -31.50 19.29 3.11
CA ARG A 154 -31.36 17.83 3.08
C ARG A 154 -29.89 17.37 3.22
N ILE A 155 -28.94 18.25 2.93
CA ILE A 155 -27.53 17.86 2.84
C ILE A 155 -27.04 17.23 4.14
N PHE A 156 -27.31 17.88 5.26
CA PHE A 156 -26.84 17.43 6.56
C PHE A 156 -27.44 16.09 6.98
N PRO A 157 -28.77 16.00 7.09
CA PRO A 157 -29.29 14.70 7.53
C PRO A 157 -29.04 13.54 6.56
N GLU A 158 -29.03 13.82 5.26
CA GLU A 158 -28.76 12.77 4.28
C GLU A 158 -27.32 12.30 4.28
N PHE A 159 -26.37 13.23 4.41
CA PHE A 159 -24.95 12.88 4.50
C PHE A 159 -24.69 12.04 5.78
N GLN A 160 -25.21 12.50 6.91
N GLN A 160 -25.19 12.51 6.92
CA GLN A 160 -25.04 11.83 8.19
CA GLN A 160 -25.08 11.79 8.20
C GLN A 160 -25.64 10.41 8.21
C GLN A 160 -25.56 10.38 8.01
N ALA A 161 -26.84 10.25 7.67
CA ALA A 161 -27.49 8.94 7.56
C ALA A 161 -26.77 8.00 6.61
N THR A 162 -26.46 8.46 5.40
CA THR A 162 -25.78 7.57 4.43
C THR A 162 -24.30 7.28 4.78
N TYR A 163 -23.56 8.27 5.26
CA TYR A 163 -22.18 8.02 5.65
C TYR A 163 -22.04 7.22 6.97
N SER A 164 -23.06 7.25 7.81
CA SER A 164 -23.11 6.39 8.97
C SER A 164 -23.21 4.90 8.60
N GLU A 165 -24.07 4.56 7.64
CA GLU A 165 -24.08 3.26 6.98
C GLU A 165 -22.71 2.86 6.42
N LEU A 166 -22.03 3.80 5.75
CA LEU A 166 -20.70 3.53 5.19
C LEU A 166 -19.77 3.03 6.28
N PHE A 167 -19.67 3.80 7.36
CA PHE A 167 -18.76 3.43 8.44
C PHE A 167 -19.16 2.18 9.22
N ASP A 168 -20.46 1.90 9.32
CA ASP A 168 -20.94 0.62 9.83
C ASP A 168 -20.45 -0.54 8.96
N SER A 169 -20.54 -0.35 7.65
N SER A 169 -20.54 -0.37 7.64
CA SER A 169 -20.14 -1.34 6.66
CA SER A 169 -20.13 -1.40 6.70
C SER A 169 -18.62 -1.55 6.67
C SER A 169 -18.60 -1.57 6.68
N LEU A 170 -17.88 -0.46 6.84
CA LEU A 170 -16.41 -0.49 6.96
C LEU A 170 -15.92 -1.15 8.26
N GLU A 171 -16.55 -0.87 9.40
CA GLU A 171 -16.24 -1.59 10.64
C GLU A 171 -16.50 -3.10 10.54
N LYS A 172 -17.62 -3.45 9.90
CA LYS A 172 -17.98 -4.82 9.59
C LYS A 172 -16.90 -5.51 8.77
N GLU A 173 -16.51 -4.88 7.66
CA GLU A 173 -15.49 -5.44 6.78
C GLU A 173 -14.11 -5.58 7.47
N LEU A 174 -13.72 -4.59 8.25
CA LEU A 174 -12.50 -4.63 9.05
C LEU A 174 -12.46 -5.85 9.98
N SER A 175 -13.58 -6.15 10.64
CA SER A 175 -13.63 -7.28 11.59
C SER A 175 -13.57 -8.64 10.89
N LEU A 176 -14.07 -8.68 9.65
CA LEU A 176 -14.03 -9.87 8.83
C LEU A 176 -12.64 -10.07 8.24
N LYS A 177 -12.13 -9.06 7.55
CA LYS A 177 -10.97 -9.19 6.67
C LYS A 177 -9.65 -8.66 7.27
N GLY A 178 -9.75 -7.83 8.30
CA GLY A 178 -8.54 -7.22 8.87
C GLY A 178 -8.18 -5.94 8.16
N LYS A 179 -8.91 -5.65 7.09
CA LYS A 179 -8.85 -4.36 6.38
C LYS A 179 -10.20 -4.07 5.70
N ALA A 180 -10.48 -2.79 5.46
CA ALA A 180 -11.72 -2.37 4.81
C ALA A 180 -11.46 -1.45 3.60
N ASP A 181 -11.83 -1.95 2.41
CA ASP A 181 -11.71 -1.20 1.17
C ASP A 181 -12.66 -0.02 1.21
N PHE A 182 -12.11 1.18 1.24
CA PHE A 182 -12.92 2.38 1.31
C PHE A 182 -13.71 2.59 0.03
N GLY A 183 -13.00 2.70 -1.10
CA GLY A 183 -13.59 3.00 -2.41
C GLY A 183 -14.68 2.04 -2.86
N GLY A 184 -14.57 0.79 -2.45
CA GLY A 184 -15.56 -0.24 -2.79
C GLY A 184 -16.92 -0.11 -2.10
N SER A 185 -16.99 0.67 -1.03
CA SER A 185 -18.28 0.91 -0.38
C SER A 185 -18.72 2.36 -0.62
N SER A 186 -17.73 3.26 -0.64
CA SER A 186 -17.96 4.71 -0.62
C SER A 186 -18.55 5.29 -1.92
N ASP A 187 -18.35 4.57 -3.02
CA ASP A 187 -18.98 4.88 -4.32
C ASP A 187 -20.51 4.77 -4.29
N GLY A 188 -21.02 3.66 -3.71
CA GLY A 188 -22.45 3.50 -3.48
C GLY A 188 -23.01 4.56 -2.55
N THR A 189 -22.30 4.81 -1.47
CA THR A 189 -22.68 5.80 -0.47
C THR A 189 -22.81 7.19 -1.08
N ALA A 190 -21.79 7.60 -1.86
CA ALA A 190 -21.78 8.90 -2.51
C ALA A 190 -23.00 9.08 -3.38
N PHE A 191 -23.34 8.06 -4.18
CA PHE A 191 -24.49 8.16 -5.05
C PHE A 191 -25.82 8.16 -4.30
N ASN A 192 -25.94 7.31 -3.29
CA ASN A 192 -27.13 7.28 -2.44
C ASN A 192 -27.38 8.64 -1.79
N PHE A 193 -26.31 9.21 -1.22
CA PHE A 193 -26.31 10.55 -0.65
C PHE A 193 -26.77 11.61 -1.63
N LEU A 194 -26.21 11.61 -2.84
CA LEU A 194 -26.59 12.59 -3.84
C LEU A 194 -28.04 12.47 -4.27
N ALA A 195 -28.54 11.24 -4.44
CA ALA A 195 -29.92 11.04 -4.89
C ALA A 195 -30.92 11.53 -3.84
N ARG A 196 -30.64 11.22 -2.59
CA ARG A 196 -31.47 11.61 -1.45
C ARG A 196 -31.37 13.13 -1.18
N ALA A 197 -30.16 13.67 -1.11
CA ALA A 197 -29.98 15.11 -0.92
C ALA A 197 -30.51 15.98 -2.05
N PHE A 198 -30.16 15.63 -3.29
CA PHE A 198 -30.55 16.42 -4.46
C PHE A 198 -32.02 16.19 -4.86
N TYR A 199 -32.49 14.94 -4.80
CA TYR A 199 -33.81 14.60 -5.36
C TYR A 199 -34.79 13.91 -4.39
N GLY A 200 -34.45 13.86 -3.10
CA GLY A 200 -35.27 13.15 -2.12
C GLY A 200 -35.60 11.73 -2.53
N THR A 201 -34.67 11.08 -3.23
CA THR A 201 -34.91 9.76 -3.81
C THR A 201 -33.85 8.77 -3.34
N ASN A 202 -34.29 7.68 -2.74
CA ASN A 202 -33.43 6.57 -2.41
C ASN A 202 -33.30 5.61 -3.60
N PRO A 203 -32.09 5.48 -4.19
CA PRO A 203 -31.93 4.59 -5.35
C PRO A 203 -32.42 3.16 -5.11
N ALA A 204 -32.42 2.73 -3.86
CA ALA A 204 -32.87 1.40 -3.46
C ALA A 204 -34.35 1.20 -3.74
N ASP A 205 -35.08 2.32 -3.80
CA ASP A 205 -36.53 2.32 -4.05
C ASP A 205 -36.85 2.44 -5.53
N THR A 206 -35.81 2.45 -6.37
CA THR A 206 -35.94 2.63 -7.81
C THR A 206 -35.37 1.44 -8.58
N LYS A 207 -35.55 1.47 -9.90
CA LYS A 207 -35.04 0.43 -10.78
C LYS A 207 -33.51 0.38 -10.80
N LEU A 208 -32.85 1.50 -10.51
CA LEU A 208 -31.38 1.55 -10.42
C LEU A 208 -30.82 0.60 -9.37
N LYS A 209 -31.61 0.32 -8.34
CA LYS A 209 -31.23 -0.49 -7.19
C LYS A 209 -29.89 0.00 -6.62
N ALA A 210 -28.87 -0.86 -6.62
CA ALA A 210 -27.51 -0.47 -6.23
C ALA A 210 -26.58 -0.43 -7.44
N ASP A 211 -27.16 -0.29 -8.64
CA ASP A 211 -26.41 -0.41 -9.88
C ASP A 211 -25.66 0.84 -10.35
N ALA A 212 -26.07 2.03 -9.89
CA ALA A 212 -25.52 3.30 -10.39
C ALA A 212 -23.99 3.43 -10.45
N PRO A 213 -23.27 3.14 -9.33
CA PRO A 213 -21.80 3.22 -9.44
C PRO A 213 -21.19 2.49 -10.68
N GLY A 214 -21.64 1.27 -10.97
CA GLY A 214 -21.13 0.53 -12.11
C GLY A 214 -21.49 1.13 -13.46
N LEU A 215 -22.72 1.66 -13.56
CA LEU A 215 -23.19 2.32 -14.78
C LEU A 215 -22.40 3.60 -15.00
N ILE A 216 -22.27 4.42 -13.96
CA ILE A 216 -21.54 5.69 -14.07
C ILE A 216 -20.06 5.43 -14.44
N THR A 217 -19.42 4.49 -13.74
CA THR A 217 -18.03 4.13 -13.99
C THR A 217 -17.76 3.75 -15.45
N LYS A 218 -18.55 2.84 -15.99
CA LYS A 218 -18.39 2.47 -17.40
C LYS A 218 -18.55 3.70 -18.32
N TRP A 219 -19.63 4.46 -18.12
CA TRP A 219 -19.91 5.67 -18.91
C TRP A 219 -18.77 6.71 -18.80
N VAL A 220 -18.33 7.02 -17.58
CA VAL A 220 -17.15 7.87 -17.40
C VAL A 220 -15.94 7.29 -18.14
N LEU A 221 -15.72 5.98 -18.02
CA LEU A 221 -14.60 5.33 -18.75
C LEU A 221 -14.67 5.61 -20.25
N PHE A 222 -15.87 5.55 -20.82
CA PHE A 222 -16.06 5.76 -22.24
C PHE A 222 -15.77 7.19 -22.64
N ASN A 223 -15.95 8.11 -21.68
CA ASN A 223 -15.66 9.53 -21.83
C ASN A 223 -14.17 9.84 -21.69
N LEU A 224 -13.52 9.21 -20.72
CA LEU A 224 -12.19 9.66 -20.27
C LEU A 224 -11.02 8.72 -20.54
N HIS A 225 -11.30 7.55 -21.10
CA HIS A 225 -10.25 6.56 -21.39
C HIS A 225 -9.01 7.07 -22.16
N PRO A 226 -9.17 8.07 -23.08
CA PRO A 226 -7.95 8.53 -23.80
C PRO A 226 -6.93 9.20 -22.88
N LEU A 227 -7.40 9.66 -21.71
CA LEU A 227 -6.60 10.36 -20.70
C LEU A 227 -6.13 9.45 -19.55
N LEU A 228 -6.53 8.19 -19.56
CA LEU A 228 -6.32 7.32 -18.40
C LEU A 228 -5.41 6.14 -18.71
N SER A 229 -4.68 5.72 -17.70
CA SER A 229 -4.04 4.42 -17.72
C SER A 229 -4.69 3.54 -16.66
N ILE A 230 -4.96 2.27 -16.99
N ILE A 230 -4.96 2.28 -17.02
CA ILE A 230 -5.54 1.32 -16.04
CA ILE A 230 -5.54 1.26 -16.12
C ILE A 230 -4.55 0.19 -15.70
C ILE A 230 -4.46 0.70 -15.20
N GLY A 231 -3.25 0.52 -15.75
CA GLY A 231 -2.21 -0.30 -15.15
C GLY A 231 -1.74 -1.43 -16.05
N LEU A 232 -2.56 -1.79 -17.05
CA LEU A 232 -2.20 -2.77 -18.08
C LEU A 232 -0.90 -2.41 -18.83
N PRO A 233 -0.19 -3.43 -19.37
CA PRO A 233 1.00 -3.10 -20.17
C PRO A 233 0.66 -2.15 -21.31
N ARG A 234 1.66 -1.41 -21.78
CA ARG A 234 1.42 -0.43 -22.81
C ARG A 234 1.06 -1.09 -24.13
N VAL A 235 1.52 -2.33 -24.35
CA VAL A 235 1.23 -3.05 -25.60
C VAL A 235 -0.27 -3.28 -25.79
N ILE A 236 -0.99 -3.43 -24.68
CA ILE A 236 -2.44 -3.58 -24.70
C ILE A 236 -3.15 -2.22 -24.67
N GLU A 237 -2.76 -1.38 -23.70
CA GLU A 237 -3.41 -0.09 -23.45
C GLU A 237 -3.39 0.86 -24.63
N GLU A 238 -2.23 1.01 -25.25
CA GLU A 238 -2.07 1.94 -26.34
C GLU A 238 -3.04 1.72 -27.50
N PRO A 239 -3.11 0.49 -28.07
CA PRO A 239 -4.14 0.29 -29.12
C PRO A 239 -5.58 0.27 -28.61
N LEU A 240 -5.79 -0.16 -27.38
CA LEU A 240 -7.14 -0.38 -26.87
C LEU A 240 -7.81 0.90 -26.39
N ILE A 241 -7.06 1.75 -25.69
CA ILE A 241 -7.71 2.91 -25.12
C ILE A 241 -7.09 4.26 -25.49
N HIS A 242 -5.92 4.25 -26.13
CA HIS A 242 -5.18 5.50 -26.39
C HIS A 242 -5.07 5.96 -27.86
N THR A 243 -5.50 5.11 -28.81
CA THR A 243 -5.45 5.42 -30.25
C THR A 243 -6.77 5.84 -30.87
N PHE A 244 -7.85 5.17 -30.48
CA PHE A 244 -9.20 5.37 -31.03
C PHE A 244 -10.21 5.50 -29.89
N SER A 245 -11.31 6.19 -30.16
CA SER A 245 -12.42 6.28 -29.21
C SER A 245 -13.20 4.97 -29.05
N LEU A 246 -13.51 4.63 -27.81
CA LEU A 246 -14.42 3.54 -27.50
C LEU A 246 -15.82 3.89 -28.03
N PRO A 247 -16.47 2.96 -28.74
CA PRO A 247 -17.73 3.32 -29.41
C PRO A 247 -18.87 3.66 -28.44
N PRO A 248 -19.47 4.86 -28.57
CA PRO A 248 -20.57 5.27 -27.66
C PRO A 248 -21.75 4.30 -27.59
N ALA A 249 -22.05 3.63 -28.70
CA ALA A 249 -23.19 2.70 -28.76
C ALA A 249 -23.17 1.64 -27.66
N LEU A 250 -21.96 1.28 -27.19
CA LEU A 250 -21.77 0.21 -26.21
C LEU A 250 -22.09 0.61 -24.76
N VAL A 251 -22.37 1.89 -24.54
CA VAL A 251 -22.72 2.33 -23.20
C VAL A 251 -24.10 2.99 -23.21
N LYS A 252 -24.69 3.06 -24.39
CA LYS A 252 -25.96 3.75 -24.60
C LYS A 252 -27.09 3.24 -23.70
N SER A 253 -27.16 1.94 -23.49
CA SER A 253 -28.26 1.39 -22.70
C SER A 253 -28.02 1.54 -21.18
N ASP A 254 -26.76 1.53 -20.77
CA ASP A 254 -26.38 1.85 -19.38
C ASP A 254 -26.74 3.29 -19.03
N TYR A 255 -26.46 4.18 -19.99
CA TYR A 255 -26.78 5.60 -19.90
C TYR A 255 -28.29 5.85 -19.82
N GLN A 256 -29.07 5.07 -20.58
CA GLN A 256 -30.54 5.19 -20.61
C GLN A 256 -31.15 4.86 -19.25
N ARG A 257 -30.54 3.89 -18.56
CA ARG A 257 -30.93 3.50 -17.20
C ARG A 257 -30.74 4.66 -16.24
N LEU A 258 -29.65 5.39 -16.40
CA LEU A 258 -29.36 6.57 -15.57
C LEU A 258 -30.29 7.71 -15.95
N TYR A 259 -30.45 7.92 -17.26
CA TYR A 259 -31.34 8.95 -17.78
C TYR A 259 -32.78 8.82 -17.25
N GLU A 260 -33.35 7.62 -17.36
N GLU A 260 -33.34 7.61 -17.37
CA GLU A 260 -34.71 7.36 -16.86
CA GLU A 260 -34.67 7.28 -16.84
C GLU A 260 -34.84 7.62 -15.34
C GLU A 260 -34.81 7.66 -15.36
N PHE A 261 -33.75 7.45 -14.59
CA PHE A 261 -33.74 7.73 -13.16
C PHE A 261 -33.82 9.22 -12.89
N PHE A 262 -33.06 10.00 -13.65
CA PHE A 262 -33.11 11.45 -13.50
C PHE A 262 -34.41 12.04 -14.01
N LEU A 263 -34.92 11.50 -15.12
CA LEU A 263 -36.22 11.93 -15.63
C LEU A 263 -37.31 11.75 -14.58
N GLU A 264 -37.33 10.60 -13.91
CA GLU A 264 -38.41 10.28 -12.97
C GLU A 264 -38.19 10.84 -11.57
N SER A 265 -36.95 11.17 -11.22
CA SER A 265 -36.60 11.62 -9.87
C SER A 265 -36.44 13.12 -9.72
N ALA A 266 -36.24 13.83 -10.83
CA ALA A 266 -35.85 15.23 -10.77
C ALA A 266 -37.03 16.20 -10.88
N GLY A 267 -38.21 15.79 -10.44
CA GLY A 267 -39.45 16.54 -10.66
C GLY A 267 -39.43 18.01 -10.31
N GLU A 268 -39.11 18.31 -9.06
CA GLU A 268 -39.11 19.68 -8.56
C GLU A 268 -38.07 20.57 -9.28
N ILE A 269 -36.94 19.98 -9.67
CA ILE A 269 -35.86 20.69 -10.37
C ILE A 269 -36.25 20.98 -11.83
N LEU A 270 -37.04 20.07 -12.40
CA LEU A 270 -37.52 20.19 -13.78
C LEU A 270 -38.54 21.30 -14.00
N VAL A 271 -39.33 21.60 -12.97
CA VAL A 271 -40.23 22.76 -12.99
C VAL A 271 -39.40 24.05 -13.12
N GLU A 272 -38.32 24.16 -12.36
CA GLU A 272 -37.44 25.32 -12.43
C GLU A 272 -36.71 25.43 -13.78
N ALA A 273 -36.25 24.28 -14.31
CA ALA A 273 -35.72 24.19 -15.67
C ALA A 273 -36.69 24.76 -16.71
N ASP A 274 -37.98 24.42 -16.54
CA ASP A 274 -39.11 24.89 -17.34
C ASP A 274 -39.23 26.43 -17.25
N LYS A 275 -39.16 26.95 -16.02
CA LYS A 275 -39.09 28.39 -15.74
C LYS A 275 -37.87 29.11 -16.34
N LEU A 276 -36.72 28.45 -16.31
CA LEU A 276 -35.50 29.01 -16.90
C LEU A 276 -35.50 28.95 -18.44
N GLY A 277 -36.54 28.34 -18.99
CA GLY A 277 -36.62 28.10 -20.44
C GLY A 277 -35.63 27.07 -20.95
N ILE A 278 -35.54 25.93 -20.27
CA ILE A 278 -34.72 24.82 -20.71
C ILE A 278 -35.64 23.63 -20.95
N SER A 279 -35.46 22.93 -22.08
CA SER A 279 -36.26 21.73 -22.34
C SER A 279 -36.06 20.68 -21.24
N ARG A 280 -37.09 19.87 -21.00
CA ARG A 280 -37.01 18.83 -19.99
C ARG A 280 -35.90 17.82 -20.33
N GLU A 281 -35.70 17.59 -21.62
CA GLU A 281 -34.72 16.65 -22.13
C GLU A 281 -33.31 17.19 -21.90
N GLU A 282 -33.08 18.47 -22.20
CA GLU A 282 -31.77 19.05 -22.02
C GLU A 282 -31.43 19.19 -20.53
N ALA A 283 -32.39 19.65 -19.73
CA ALA A 283 -32.23 19.69 -18.29
C ALA A 283 -31.81 18.33 -17.73
N THR A 284 -32.46 17.25 -18.18
CA THR A 284 -32.22 15.91 -17.62
C THR A 284 -30.83 15.36 -17.97
N HIS A 285 -30.41 15.54 -19.21
CA HIS A 285 -29.06 15.12 -19.60
C HIS A 285 -28.04 15.90 -18.79
N ASN A 286 -28.32 17.19 -18.60
CA ASN A 286 -27.46 18.07 -17.80
C ASN A 286 -27.44 17.77 -16.30
N LEU A 287 -28.57 17.37 -15.77
CA LEU A 287 -28.67 17.02 -14.35
C LEU A 287 -27.93 15.71 -14.10
N LEU A 288 -28.11 14.76 -15.03
CA LEU A 288 -27.37 13.51 -15.04
C LEU A 288 -25.84 13.78 -15.04
N PHE A 289 -25.37 14.54 -16.02
CA PHE A 289 -23.95 14.90 -16.09
C PHE A 289 -23.46 15.54 -14.79
N ALA A 290 -24.19 16.54 -14.29
CA ALA A 290 -23.74 17.25 -13.09
C ALA A 290 -23.66 16.36 -11.86
N THR A 291 -24.61 15.45 -11.72
CA THR A 291 -24.69 14.56 -10.57
C THR A 291 -23.70 13.41 -10.72
N CYS A 292 -23.62 12.84 -11.91
CA CYS A 292 -22.86 11.64 -12.14
C CYS A 292 -21.39 11.90 -12.46
N PHE A 293 -21.12 12.92 -13.27
CA PHE A 293 -19.76 13.16 -13.74
C PHE A 293 -19.07 14.20 -12.86
N ASN A 294 -19.59 15.41 -12.84
CA ASN A 294 -19.01 16.46 -11.99
C ASN A 294 -18.99 16.03 -10.52
N THR A 295 -20.17 15.76 -9.95
CA THR A 295 -20.27 15.58 -8.50
C THR A 295 -19.77 14.22 -8.02
N TRP A 296 -20.42 13.14 -8.45
CA TRP A 296 -20.04 11.79 -8.05
C TRP A 296 -18.59 11.41 -8.47
N GLY A 297 -18.18 11.81 -9.68
CA GLY A 297 -16.82 11.56 -10.15
C GLY A 297 -15.76 12.33 -9.37
N GLY A 298 -16.01 13.60 -9.07
CA GLY A 298 -15.14 14.43 -8.25
C GLY A 298 -15.04 13.88 -6.86
N MET A 299 -16.17 13.52 -6.27
CA MET A 299 -16.20 12.86 -4.95
C MET A 299 -15.41 11.54 -4.94
N LYS A 300 -15.47 10.80 -6.06
CA LYS A 300 -14.78 9.52 -6.20
C LYS A 300 -13.28 9.65 -6.18
N ILE A 301 -12.77 10.76 -6.70
CA ILE A 301 -11.34 11.10 -6.62
C ILE A 301 -11.00 11.69 -5.24
N LEU A 302 -11.81 12.64 -4.79
CA LEU A 302 -11.48 13.41 -3.59
C LEU A 302 -11.51 12.64 -2.26
N PHE A 303 -12.58 11.88 -2.01
CA PHE A 303 -12.77 11.30 -0.68
C PHE A 303 -11.66 10.29 -0.34
N PRO A 304 -11.33 9.36 -1.27
CA PRO A 304 -10.21 8.44 -0.96
C PRO A 304 -8.86 9.12 -0.79
N ASN A 305 -8.60 10.19 -1.56
CA ASN A 305 -7.38 11.01 -1.39
C ASN A 305 -7.32 11.70 -0.04
N MET A 306 -8.44 12.26 0.39
CA MET A 306 -8.61 12.84 1.71
C MET A 306 -8.28 11.80 2.77
N VAL A 307 -8.82 10.59 2.66
CA VAL A 307 -8.56 9.53 3.65
C VAL A 307 -7.07 9.21 3.70
N LYS A 308 -6.50 9.04 2.51
CA LYS A 308 -5.06 8.84 2.35
C LYS A 308 -4.21 9.94 3.03
N ARG A 309 -4.50 11.21 2.75
CA ARG A 309 -3.68 12.30 3.29
C ARG A 309 -3.86 12.54 4.77
N ILE A 310 -5.11 12.55 5.22
CA ILE A 310 -5.40 12.68 6.63
C ILE A 310 -4.82 11.49 7.41
N GLY A 311 -4.90 10.29 6.83
CA GLY A 311 -4.32 9.09 7.41
C GLY A 311 -2.83 9.25 7.57
N ARG A 312 -2.17 9.76 6.54
CA ARG A 312 -0.72 9.98 6.58
C ARG A 312 -0.32 11.08 7.57
N ALA A 313 -1.24 11.98 7.92
CA ALA A 313 -0.92 13.10 8.83
C ALA A 313 -0.67 12.61 10.25
N GLY A 314 -1.17 11.42 10.58
CA GLY A 314 -0.80 10.79 11.86
C GLY A 314 -1.81 11.01 12.97
N HIS A 315 -1.67 10.22 14.03
CA HIS A 315 -2.65 10.13 15.11
C HIS A 315 -2.77 11.38 15.97
N GLN A 316 -1.69 12.15 16.12
CA GLN A 316 -1.76 13.40 16.87
C GLN A 316 -2.68 14.43 16.20
N VAL A 317 -2.64 14.46 14.88
CA VAL A 317 -3.50 15.31 14.07
C VAL A 317 -4.95 14.81 14.17
N HIS A 318 -5.12 13.47 14.18
CA HIS A 318 -6.45 12.87 14.28
C HIS A 318 -7.12 13.23 15.60
N ASN A 319 -6.37 13.09 16.69
CA ASN A 319 -6.81 13.45 18.03
C ASN A 319 -7.20 14.93 18.18
N ARG A 320 -6.39 15.83 17.59
CA ARG A 320 -6.67 17.27 17.56
C ARG A 320 -7.96 17.58 16.78
N LEU A 321 -8.09 16.97 15.59
CA LEU A 321 -9.33 17.03 14.81
C LEU A 321 -10.50 16.49 15.62
N ALA A 322 -10.30 15.34 16.28
CA ALA A 322 -11.38 14.72 17.05
C ALA A 322 -11.82 15.66 18.19
N GLU A 323 -10.85 16.18 18.96
CA GLU A 323 -11.14 17.11 20.04
C GLU A 323 -11.83 18.39 19.57
N GLU A 324 -11.37 18.97 18.47
CA GLU A 324 -12.04 20.15 17.90
C GLU A 324 -13.53 19.93 17.52
N ILE A 325 -13.76 18.93 16.67
CA ILE A 325 -15.07 18.60 16.12
C ILE A 325 -16.06 18.27 17.25
N ARG A 326 -15.63 17.43 18.19
CA ARG A 326 -16.46 17.06 19.35
C ARG A 326 -16.81 18.22 20.29
N SER A 327 -15.78 19.00 20.66
N SER A 327 -15.80 19.04 20.60
CA SER A 327 -15.98 20.19 21.48
CA SER A 327 -15.97 20.20 21.50
C SER A 327 -16.97 21.12 20.80
C SER A 327 -16.78 21.35 20.88
N VAL A 328 -16.69 21.49 19.55
CA VAL A 328 -17.53 22.43 18.81
C VAL A 328 -18.97 21.89 18.76
N ILE A 329 -19.13 20.60 18.48
CA ILE A 329 -20.46 20.01 18.39
C ILE A 329 -21.18 20.03 19.75
N LYS A 330 -20.44 19.79 20.83
CA LYS A 330 -20.96 19.86 22.21
C LYS A 330 -21.33 21.30 22.62
N SER A 331 -20.48 22.26 22.26
CA SER A 331 -20.80 23.69 22.44
C SER A 331 -22.07 24.14 21.67
N ASN A 332 -22.43 23.39 20.61
CA ASN A 332 -23.59 23.67 19.76
C ASN A 332 -24.81 22.85 20.21
N GLY A 333 -24.72 22.32 21.44
CA GLY A 333 -25.77 21.49 22.02
C GLY A 333 -25.98 20.16 21.31
N GLY A 334 -24.94 19.66 20.64
CA GLY A 334 -25.02 18.36 19.96
C GLY A 334 -25.58 18.43 18.55
N GLU A 335 -25.99 19.61 18.11
CA GLU A 335 -26.48 19.84 16.76
C GLU A 335 -25.31 20.26 15.86
N LEU A 336 -25.12 19.55 14.76
CA LEU A 336 -24.16 19.95 13.75
C LEU A 336 -24.89 20.87 12.78
N THR A 337 -24.39 22.11 12.64
CA THR A 337 -25.01 23.12 11.77
C THR A 337 -23.93 23.81 10.93
N MET A 338 -24.35 24.55 9.92
CA MET A 338 -23.43 25.30 9.09
C MET A 338 -22.55 26.25 9.92
N GLY A 339 -23.15 26.94 10.88
CA GLY A 339 -22.43 27.89 11.69
C GLY A 339 -21.46 27.24 12.65
N ALA A 340 -21.84 26.09 13.21
CA ALA A 340 -20.91 25.32 14.04
C ALA A 340 -19.60 25.00 13.29
N ILE A 341 -19.69 24.62 12.03
CA ILE A 341 -18.53 24.29 11.20
C ILE A 341 -17.53 25.43 11.02
N GLU A 342 -18.01 26.67 11.04
CA GLU A 342 -17.16 27.85 10.93
C GLU A 342 -16.20 27.96 12.12
N LYS A 343 -16.58 27.32 13.21
CA LYS A 343 -15.74 27.27 14.42
C LYS A 343 -14.63 26.23 14.32
N MET A 344 -14.76 25.31 13.37
CA MET A 344 -13.89 24.16 13.30
C MET A 344 -12.68 24.49 12.42
N GLU A 345 -11.78 25.29 12.99
CA GLU A 345 -10.60 25.85 12.31
C GLU A 345 -9.66 24.86 11.66
N LEU A 346 -9.24 23.86 12.43
CA LEU A 346 -8.33 22.84 11.90
C LEU A 346 -9.04 22.03 10.83
N THR A 347 -10.33 21.80 11.03
CA THR A 347 -11.14 21.05 10.08
C THR A 347 -11.21 21.76 8.74
N LYS A 348 -11.60 23.04 8.74
CA LYS A 348 -11.64 23.84 7.51
C LYS A 348 -10.28 23.85 6.79
N SER A 349 -9.22 23.95 7.56
CA SER A 349 -7.87 24.09 7.03
C SER A 349 -7.38 22.77 6.43
N VAL A 350 -7.62 21.65 7.14
CA VAL A 350 -7.32 20.30 6.61
C VAL A 350 -7.99 20.06 5.26
N VAL A 351 -9.26 20.44 5.14
CA VAL A 351 -9.98 20.26 3.88
C VAL A 351 -9.30 21.10 2.78
N TYR A 352 -8.98 22.35 3.12
CA TYR A 352 -8.28 23.22 2.19
C TYR A 352 -6.91 22.64 1.78
N GLU A 353 -6.21 22.01 2.71
CA GLU A 353 -4.89 21.47 2.42
C GLU A 353 -4.98 20.23 1.53
N CYS A 354 -6.04 19.44 1.67
CA CYS A 354 -6.28 18.31 0.77
C CYS A 354 -6.47 18.80 -0.67
N LEU A 355 -7.26 19.86 -0.83
CA LEU A 355 -7.55 20.45 -2.14
C LEU A 355 -6.32 21.11 -2.76
N ARG A 356 -5.50 21.78 -1.94
CA ARG A 356 -4.25 22.38 -2.42
C ARG A 356 -3.20 21.32 -2.77
N PHE A 357 -2.97 20.40 -1.84
CA PHE A 357 -1.85 19.46 -1.96
C PHE A 357 -2.10 18.56 -3.15
N GLU A 358 -3.38 18.24 -3.38
CA GLU A 358 -3.74 17.19 -4.28
C GLU A 358 -5.06 17.54 -4.97
N PRO A 359 -5.05 18.54 -5.87
CA PRO A 359 -6.28 18.93 -6.57
C PRO A 359 -6.86 17.70 -7.24
N PRO A 360 -8.17 17.44 -7.04
CA PRO A 360 -8.76 16.21 -7.58
C PRO A 360 -8.76 16.18 -9.11
N VAL A 361 -9.03 17.31 -9.72
CA VAL A 361 -8.96 17.42 -11.18
C VAL A 361 -7.76 18.31 -11.54
N THR A 362 -6.77 17.71 -12.20
CA THR A 362 -5.47 18.35 -12.34
C THR A 362 -5.29 19.15 -13.63
N ALA A 363 -6.12 18.86 -14.64
CA ALA A 363 -5.93 19.35 -16.02
C ALA A 363 -6.91 20.44 -16.39
N GLN A 364 -6.41 21.67 -16.52
CA GLN A 364 -7.22 22.78 -17.00
C GLN A 364 -6.68 23.34 -18.30
N TYR A 365 -7.58 23.55 -19.25
CA TYR A 365 -7.25 24.05 -20.58
C TYR A 365 -7.98 25.37 -20.91
N GLY A 366 -7.36 26.17 -21.77
CA GLY A 366 -7.98 27.37 -22.30
C GLY A 366 -7.30 27.79 -23.59
N ARG A 367 -8.09 28.19 -24.57
CA ARG A 367 -7.58 28.64 -25.86
C ARG A 367 -7.47 30.14 -25.86
N ALA A 368 -6.27 30.67 -26.13
CA ALA A 368 -6.04 32.12 -26.14
C ALA A 368 -6.96 32.75 -27.19
N LYS A 369 -7.80 33.68 -26.73
CA LYS A 369 -8.74 34.42 -27.57
C LYS A 369 -8.04 35.41 -28.45
N LYS A 370 -6.97 35.99 -27.91
CA LYS A 370 -6.20 37.05 -28.55
C LYS A 370 -4.74 36.82 -28.16
N ASP A 371 -3.84 37.62 -28.71
CA ASP A 371 -2.43 37.57 -28.34
C ASP A 371 -2.31 38.02 -26.89
N LEU A 372 -1.56 37.25 -26.10
CA LEU A 372 -1.43 37.46 -24.65
C LEU A 372 0.03 37.56 -24.22
N VAL A 373 0.28 38.32 -23.16
CA VAL A 373 1.55 38.24 -22.46
C VAL A 373 1.28 37.57 -21.11
N ILE A 374 1.80 36.35 -20.95
CA ILE A 374 1.68 35.58 -19.72
C ILE A 374 2.94 35.73 -18.86
N GLU A 375 2.76 36.25 -17.66
CA GLU A 375 3.87 36.44 -16.73
C GLU A 375 4.03 35.20 -15.88
N SER A 376 5.26 34.72 -15.72
N SER A 376 5.28 34.77 -15.71
CA SER A 376 5.56 33.78 -14.64
CA SER A 376 5.64 33.78 -14.72
C SER A 376 6.37 34.52 -13.58
C SER A 376 6.39 34.52 -13.61
N HIS A 377 7.05 33.79 -12.70
CA HIS A 377 7.85 34.42 -11.65
C HIS A 377 9.10 35.19 -12.14
N ASP A 378 9.80 34.69 -13.15
CA ASP A 378 11.07 35.32 -13.57
C ASP A 378 11.14 35.79 -15.04
N ALA A 379 10.09 35.52 -15.80
CA ALA A 379 10.02 35.91 -17.21
C ALA A 379 8.57 36.02 -17.68
N ALA A 380 8.39 36.68 -18.81
CA ALA A 380 7.08 36.81 -19.45
C ALA A 380 7.16 36.18 -20.83
N PHE A 381 6.02 35.74 -21.33
CA PHE A 381 6.01 34.91 -22.51
C PHE A 381 4.87 35.36 -23.40
N LYS A 382 5.13 35.44 -24.69
CA LYS A 382 4.09 35.85 -25.63
C LYS A 382 3.45 34.65 -26.32
N VAL A 383 2.14 34.55 -26.21
CA VAL A 383 1.37 33.54 -26.96
C VAL A 383 0.47 34.22 -27.99
N LYS A 384 0.25 33.52 -29.08
CA LYS A 384 -0.57 34.00 -30.17
C LYS A 384 -2.01 33.57 -29.92
N ALA A 385 -2.95 34.35 -30.45
CA ALA A 385 -4.36 33.96 -30.52
C ALA A 385 -4.49 32.57 -31.13
N GLY A 386 -5.28 31.72 -30.46
CA GLY A 386 -5.57 30.35 -30.92
C GLY A 386 -4.70 29.25 -30.31
N GLU A 387 -3.64 29.63 -29.59
CA GLU A 387 -2.83 28.60 -28.94
C GLU A 387 -3.57 27.96 -27.78
N MET A 388 -3.49 26.63 -27.68
CA MET A 388 -4.04 25.96 -26.53
C MET A 388 -3.11 26.10 -25.33
N LEU A 389 -3.62 26.69 -24.27
CA LEU A 389 -2.93 26.77 -22.99
C LEU A 389 -3.41 25.63 -22.10
N TYR A 390 -2.49 25.13 -21.28
CA TYR A 390 -2.79 24.02 -20.39
C TYR A 390 -2.07 24.27 -19.07
N GLY A 391 -2.75 24.00 -17.96
CA GLY A 391 -2.09 23.98 -16.65
C GLY A 391 -2.23 22.66 -15.92
N TYR A 392 -1.16 22.24 -15.27
CA TYR A 392 -1.20 21.07 -14.40
C TYR A 392 -1.30 21.68 -13.03
N GLN A 393 -2.50 21.65 -12.45
CA GLN A 393 -2.79 22.43 -11.23
C GLN A 393 -1.84 22.19 -10.04
N PRO A 394 -1.49 20.92 -9.74
CA PRO A 394 -0.67 20.66 -8.54
C PRO A 394 0.68 21.39 -8.56
N LEU A 395 1.18 21.71 -9.75
CA LEU A 395 2.37 22.55 -9.84
C LEU A 395 2.08 24.05 -9.59
N ALA A 396 0.84 24.48 -9.77
CA ALA A 396 0.46 25.83 -9.35
C ALA A 396 0.18 25.90 -7.86
N THR A 397 -0.38 24.83 -7.30
CA THR A 397 -0.83 24.86 -5.90
C THR A 397 0.26 24.37 -4.94
N ARG A 398 1.26 23.69 -5.48
CA ARG A 398 2.47 23.35 -4.72
C ARG A 398 3.69 24.19 -5.17
N ASP A 399 3.44 25.39 -5.67
CA ASP A 399 4.48 26.31 -6.15
C ASP A 399 5.29 26.87 -4.96
N PRO A 400 6.57 26.49 -4.85
CA PRO A 400 7.36 26.89 -3.66
C PRO A 400 7.64 28.38 -3.55
N LYS A 401 7.30 29.13 -4.60
CA LYS A 401 7.48 30.60 -4.57
C LYS A 401 6.21 31.31 -4.10
N ILE A 402 5.19 30.53 -3.76
CA ILE A 402 3.92 31.02 -3.26
C ILE A 402 3.64 30.45 -1.87
N PHE A 403 3.94 29.16 -1.72
CA PHE A 403 3.63 28.44 -0.48
C PHE A 403 4.93 27.98 0.11
N ASP A 404 5.12 28.19 1.42
CA ASP A 404 6.25 27.58 2.13
C ASP A 404 5.96 26.10 2.34
N ARG A 405 7.03 25.33 2.59
N ARG A 405 7.00 25.29 2.55
CA ARG A 405 6.99 23.86 2.64
CA ARG A 405 6.84 23.83 2.74
C ARG A 405 5.91 23.28 1.72
C ARG A 405 5.90 23.20 1.71
N ALA A 406 6.06 23.59 0.43
CA ALA A 406 5.02 23.41 -0.57
C ALA A 406 4.64 21.97 -0.88
N ASP A 407 5.58 21.07 -0.67
CA ASP A 407 5.36 19.63 -0.91
C ASP A 407 5.10 18.86 0.37
N GLU A 408 4.94 19.58 1.47
CA GLU A 408 4.50 19.00 2.71
C GLU A 408 2.99 19.22 2.88
N PHE A 409 2.28 18.16 3.26
CA PHE A 409 0.91 18.29 3.75
C PHE A 409 0.95 18.85 5.17
N VAL A 410 0.45 20.08 5.32
CA VAL A 410 0.45 20.81 6.59
C VAL A 410 -0.99 21.10 6.99
N PRO A 411 -1.54 20.31 7.93
CA PRO A 411 -2.97 20.41 8.23
C PRO A 411 -3.44 21.82 8.63
N GLU A 412 -2.58 22.57 9.31
CA GLU A 412 -2.96 23.87 9.89
C GLU A 412 -2.59 25.05 8.99
N ARG A 413 -2.26 24.77 7.73
CA ARG A 413 -1.80 25.78 6.79
C ARG A 413 -2.72 27.00 6.72
N PHE A 414 -4.02 26.78 6.69
CA PHE A 414 -4.95 27.87 6.41
C PHE A 414 -5.65 28.43 7.64
N VAL A 415 -5.15 28.06 8.83
CA VAL A 415 -5.70 28.52 10.10
C VAL A 415 -5.26 29.98 10.38
N GLY A 416 -6.23 30.80 10.78
CA GLY A 416 -5.92 32.16 11.20
C GLY A 416 -5.92 33.14 10.05
N GLU A 417 -5.88 34.41 10.39
CA GLU A 417 -5.99 35.53 9.45
C GLU A 417 -4.97 35.47 8.30
N GLU A 418 -3.77 35.01 8.61
CA GLU A 418 -2.65 35.01 7.67
C GLU A 418 -2.67 33.82 6.72
N GLY A 419 -3.08 32.66 7.23
CA GLY A 419 -3.27 31.47 6.42
C GLY A 419 -4.44 31.60 5.45
N GLU A 420 -5.49 32.31 5.87
CA GLU A 420 -6.66 32.50 5.03
C GLU A 420 -6.41 33.34 3.77
N LYS A 421 -5.40 34.18 3.82
CA LYS A 421 -5.03 34.99 2.67
C LYS A 421 -4.54 34.09 1.53
N LEU A 422 -3.89 33.00 1.90
CA LEU A 422 -3.32 32.04 0.96
C LEU A 422 -4.35 31.27 0.11
N LEU A 423 -5.62 31.35 0.50
CA LEU A 423 -6.71 30.68 -0.18
C LEU A 423 -6.88 31.10 -1.62
N ARG A 424 -6.57 32.36 -1.95
CA ARG A 424 -6.69 32.82 -3.34
C ARG A 424 -5.75 32.02 -4.25
N HIS A 425 -4.91 31.18 -3.64
CA HIS A 425 -3.95 30.34 -4.36
C HIS A 425 -4.33 28.87 -4.36
N VAL A 426 -5.49 28.57 -3.78
CA VAL A 426 -6.09 27.24 -3.81
C VAL A 426 -7.06 27.22 -4.97
N LEU A 427 -6.84 26.33 -5.93
CA LEU A 427 -7.44 26.47 -7.28
C LEU A 427 -8.26 25.28 -7.76
N TRP A 428 -8.59 24.37 -6.83
CA TRP A 428 -9.26 23.11 -7.15
C TRP A 428 -10.51 23.28 -8.07
N SER A 429 -11.21 24.40 -7.87
CA SER A 429 -12.53 24.66 -8.46
C SER A 429 -12.45 25.40 -9.80
N ASN A 430 -11.26 25.43 -10.38
CA ASN A 430 -11.00 26.22 -11.59
C ASN A 430 -11.22 27.71 -11.33
N GLY A 431 -10.69 28.17 -10.20
CA GLY A 431 -10.70 29.57 -9.83
C GLY A 431 -10.12 29.71 -8.43
N PRO A 432 -9.71 30.93 -8.05
CA PRO A 432 -9.25 31.13 -6.67
C PRO A 432 -10.35 30.73 -5.67
N GLU A 433 -9.99 30.07 -4.57
CA GLU A 433 -10.95 29.72 -3.53
C GLU A 433 -11.70 30.93 -2.93
N THR A 434 -11.12 32.13 -3.07
CA THR A 434 -11.72 33.34 -2.51
C THR A 434 -12.80 33.92 -3.46
N GLU A 435 -12.97 33.31 -4.64
CA GLU A 435 -13.91 33.81 -5.65
C GLU A 435 -15.09 32.87 -5.76
N THR A 436 -16.19 33.37 -6.34
CA THR A 436 -17.47 32.65 -6.41
C THR A 436 -17.80 32.23 -7.84
N PRO A 437 -18.32 31.00 -8.03
CA PRO A 437 -18.77 30.66 -9.39
C PRO A 437 -19.90 31.56 -9.80
N THR A 438 -19.88 32.01 -11.05
CA THR A 438 -20.97 32.83 -11.59
C THR A 438 -21.36 32.32 -12.97
N VAL A 439 -22.46 32.83 -13.54
CA VAL A 439 -22.79 32.52 -14.94
C VAL A 439 -21.77 33.07 -15.96
N GLY A 440 -21.00 34.06 -15.53
CA GLY A 440 -19.99 34.65 -16.38
C GLY A 440 -18.64 33.95 -16.40
N ASN A 441 -18.35 33.13 -15.39
CA ASN A 441 -17.07 32.41 -15.38
C ASN A 441 -17.23 30.90 -15.62
N LYS A 442 -16.11 30.16 -15.60
CA LYS A 442 -16.14 28.70 -15.75
C LYS A 442 -15.68 27.98 -14.47
N GLN A 443 -15.83 28.67 -13.34
CA GLN A 443 -15.50 28.11 -12.06
C GLN A 443 -16.58 27.08 -11.72
N CYS A 444 -16.14 25.98 -11.09
CA CYS A 444 -17.04 24.90 -10.64
C CYS A 444 -18.36 25.42 -10.06
N ALA A 445 -19.46 24.94 -10.62
CA ALA A 445 -20.79 25.31 -10.11
C ALA A 445 -21.04 24.86 -8.68
N GLY A 446 -20.46 23.73 -8.27
CA GLY A 446 -20.70 23.16 -6.92
C GLY A 446 -19.62 23.49 -5.89
N LYS A 447 -18.96 24.64 -6.07
CA LYS A 447 -17.78 24.99 -5.29
C LYS A 447 -18.01 24.92 -3.77
N ASP A 448 -19.01 25.62 -3.31
CA ASP A 448 -19.38 25.66 -1.92
C ASP A 448 -19.85 24.32 -1.41
N PHE A 449 -20.57 23.57 -2.26
CA PHE A 449 -21.08 22.23 -1.93
C PHE A 449 -19.95 21.24 -1.68
N VAL A 450 -18.96 21.24 -2.58
CA VAL A 450 -17.81 20.36 -2.47
C VAL A 450 -17.09 20.58 -1.14
N VAL A 451 -16.72 21.83 -0.85
CA VAL A 451 -16.05 22.19 0.40
C VAL A 451 -16.90 21.81 1.60
N LEU A 452 -18.19 22.05 1.52
CA LEU A 452 -19.15 21.62 2.54
C LEU A 452 -19.11 20.10 2.81
N VAL A 453 -19.27 19.29 1.76
CA VAL A 453 -19.40 17.85 1.94
C VAL A 453 -18.09 17.21 2.35
N ALA A 454 -16.98 17.77 1.85
CA ALA A 454 -15.64 17.37 2.29
C ALA A 454 -15.43 17.63 3.79
N ARG A 455 -15.82 18.82 4.27
CA ARG A 455 -15.85 19.09 5.72
C ARG A 455 -16.75 18.11 6.49
N LEU A 456 -17.95 17.81 5.97
CA LEU A 456 -18.86 16.87 6.66
C LEU A 456 -18.28 15.46 6.74
N PHE A 457 -17.53 15.08 5.71
CA PHE A 457 -16.81 13.81 5.67
C PHE A 457 -15.82 13.72 6.85
N VAL A 458 -14.95 14.72 6.97
CA VAL A 458 -14.01 14.81 8.09
C VAL A 458 -14.76 14.81 9.46
N ILE A 459 -15.80 15.64 9.58
CA ILE A 459 -16.66 15.66 10.75
C ILE A 459 -17.23 14.29 11.11
N GLU A 460 -17.76 13.57 10.13
CA GLU A 460 -18.29 12.22 10.40
C GLU A 460 -17.22 11.24 10.85
N ILE A 461 -16.04 11.28 10.24
CA ILE A 461 -14.94 10.40 10.63
C ILE A 461 -14.54 10.62 12.11
N PHE A 462 -14.29 11.89 12.46
CA PHE A 462 -13.72 12.19 13.78
C PHE A 462 -14.71 12.42 14.90
N ARG A 463 -15.99 12.42 14.60
CA ARG A 463 -16.96 12.33 15.67
C ARG A 463 -17.20 10.85 16.06
N ARG A 464 -16.75 9.92 15.19
CA ARG A 464 -16.79 8.47 15.45
C ARG A 464 -15.48 7.84 15.94
N TYR A 465 -14.37 8.32 15.39
CA TYR A 465 -13.07 7.69 15.59
C TYR A 465 -12.07 8.69 16.14
N ASP A 466 -11.28 8.25 17.11
CA ASP A 466 -10.21 9.06 17.64
C ASP A 466 -9.08 9.11 16.66
N SER A 467 -8.89 8.01 15.92
CA SER A 467 -7.83 7.89 14.91
C SER A 467 -8.06 6.69 13.99
N PHE A 468 -7.26 6.61 12.93
CA PHE A 468 -7.30 5.46 12.04
C PHE A 468 -5.96 5.23 11.37
N ASP A 469 -5.74 4.00 10.90
CA ASP A 469 -4.61 3.65 10.03
C ASP A 469 -5.11 3.25 8.65
N ILE A 470 -4.31 3.52 7.63
CA ILE A 470 -4.65 3.13 6.25
C ILE A 470 -3.59 2.26 5.57
N GLU A 471 -4.01 1.54 4.54
CA GLU A 471 -3.10 0.96 3.56
C GLU A 471 -3.52 1.54 2.21
N VAL A 472 -2.54 1.94 1.41
CA VAL A 472 -2.85 2.62 0.16
C VAL A 472 -2.19 2.00 -1.07
N GLY A 473 -2.73 2.36 -2.23
CA GLY A 473 -2.24 1.93 -3.53
C GLY A 473 -2.79 2.88 -4.57
N THR A 474 -2.48 2.62 -5.84
CA THR A 474 -2.95 3.49 -6.92
C THR A 474 -4.27 3.02 -7.56
N SER A 475 -5.07 4.01 -7.98
CA SER A 475 -6.30 3.80 -8.76
C SER A 475 -6.15 4.56 -10.09
N PRO A 476 -6.73 4.03 -11.19
CA PRO A 476 -6.67 4.71 -12.51
C PRO A 476 -7.01 6.20 -12.44
N LEU A 477 -7.89 6.57 -11.51
CA LEU A 477 -8.29 7.97 -11.30
C LEU A 477 -7.54 8.71 -10.16
N GLY A 478 -7.63 8.19 -8.94
CA GLY A 478 -6.93 8.76 -7.79
C GLY A 478 -6.15 7.74 -6.97
N SER A 479 -6.71 7.41 -5.79
CA SER A 479 -6.09 6.46 -4.86
C SER A 479 -6.98 5.25 -4.53
N SER A 480 -6.33 4.14 -4.19
CA SER A 480 -6.98 2.96 -3.59
C SER A 480 -6.60 2.85 -2.09
N VAL A 481 -7.58 2.99 -1.21
CA VAL A 481 -7.34 3.14 0.22
C VAL A 481 -8.08 2.10 1.06
N ASN A 482 -7.35 1.44 1.95
CA ASN A 482 -7.92 0.53 2.94
C ASN A 482 -7.73 1.06 4.36
N PHE A 483 -8.77 1.04 5.17
CA PHE A 483 -8.57 1.16 6.61
C PHE A 483 -8.01 -0.16 7.16
N SER A 484 -6.94 -0.09 7.95
CA SER A 484 -6.45 -1.26 8.67
C SER A 484 -6.74 -1.16 10.18
N SER A 485 -7.15 0.03 10.62
CA SER A 485 -7.70 0.17 11.96
C SER A 485 -8.57 1.43 12.07
N LEU A 486 -9.61 1.33 12.89
CA LEU A 486 -10.55 2.43 13.14
C LEU A 486 -10.75 2.49 14.62
N ARG A 487 -10.09 3.43 15.28
N ARG A 487 -10.09 3.42 15.29
CA ARG A 487 -10.21 3.56 16.74
CA ARG A 487 -10.21 3.51 16.75
C ARG A 487 -11.46 4.33 17.14
C ARG A 487 -11.43 4.32 17.20
N LYS A 488 -12.50 3.60 17.53
CA LYS A 488 -13.77 4.21 18.01
C LYS A 488 -13.57 5.05 19.29
N ALA A 489 -14.39 6.10 19.43
CA ALA A 489 -14.28 7.07 20.55
C ALA A 489 -14.45 6.43 21.93
N LEU B 25 -0.24 -30.45 35.42
CA LEU B 25 -0.28 -31.67 36.31
C LEU B 25 -1.28 -32.80 35.91
N PRO B 26 -2.59 -32.49 35.73
CA PRO B 26 -3.51 -33.57 35.32
C PRO B 26 -3.23 -34.12 33.90
N ILE B 27 -3.11 -35.45 33.76
CA ILE B 27 -2.98 -36.07 32.44
C ILE B 27 -4.35 -36.18 31.75
N ARG B 28 -4.50 -35.55 30.59
CA ARG B 28 -5.76 -35.49 29.86
C ARG B 28 -5.66 -36.05 28.46
N ASN B 29 -6.79 -36.51 27.92
CA ASN B 29 -6.91 -36.84 26.51
C ASN B 29 -6.74 -35.56 25.70
N ILE B 30 -6.10 -35.68 24.53
CA ILE B 30 -5.91 -34.54 23.61
C ILE B 30 -7.27 -34.26 22.97
N PRO B 31 -7.80 -33.04 23.18
CA PRO B 31 -9.07 -32.73 22.52
C PRO B 31 -8.90 -32.52 21.02
N GLY B 32 -10.02 -32.40 20.32
CA GLY B 32 -10.02 -32.22 18.88
C GLY B 32 -10.22 -33.50 18.11
N ASN B 33 -10.53 -33.36 16.82
CA ASN B 33 -10.57 -34.52 15.93
C ASN B 33 -10.31 -34.14 14.49
N TYR B 34 -10.00 -35.15 13.70
CA TYR B 34 -9.59 -34.96 12.31
C TYR B 34 -10.76 -34.93 11.30
N GLY B 35 -11.99 -35.12 11.79
CA GLY B 35 -13.18 -35.18 10.95
C GLY B 35 -13.25 -36.45 10.09
N LEU B 36 -14.18 -36.48 9.14
CA LEU B 36 -14.28 -37.59 8.18
C LEU B 36 -13.06 -37.54 7.28
N PRO B 37 -12.59 -38.71 6.78
CA PRO B 37 -11.43 -38.67 5.88
C PRO B 37 -11.76 -37.92 4.59
N ILE B 38 -10.75 -37.28 4.01
CA ILE B 38 -10.94 -36.40 2.85
C ILE B 38 -11.68 -35.10 3.20
N VAL B 39 -12.92 -35.21 3.66
CA VAL B 39 -13.74 -34.03 3.97
C VAL B 39 -13.17 -33.18 5.12
N GLY B 40 -12.77 -33.85 6.20
CA GLY B 40 -12.26 -33.22 7.41
C GLY B 40 -11.11 -32.28 7.13
N PRO B 41 -10.01 -32.83 6.55
CA PRO B 41 -8.88 -32.02 6.08
C PRO B 41 -9.24 -30.83 5.18
N ILE B 42 -10.17 -31.00 4.23
CA ILE B 42 -10.53 -29.91 3.31
C ILE B 42 -11.23 -28.78 4.06
N LYS B 43 -12.08 -29.15 5.02
CA LYS B 43 -12.84 -28.20 5.82
C LYS B 43 -11.88 -27.38 6.71
N ASP B 44 -10.92 -28.06 7.33
CA ASP B 44 -9.85 -27.40 8.10
C ASP B 44 -8.93 -26.52 7.23
N ARG B 45 -8.64 -26.98 6.02
CA ARG B 45 -7.81 -26.21 5.11
C ARG B 45 -8.48 -24.93 4.56
N TRP B 46 -9.80 -24.99 4.36
CA TRP B 46 -10.57 -23.82 3.99
C TRP B 46 -10.60 -22.76 5.10
N ASP B 47 -10.73 -23.21 6.36
CA ASP B 47 -10.63 -22.32 7.54
C ASP B 47 -9.26 -21.62 7.60
N TYR B 48 -8.20 -22.41 7.58
CA TYR B 48 -6.79 -21.93 7.52
C TYR B 48 -6.46 -20.84 6.46
N PHE B 49 -6.85 -21.04 5.21
CA PHE B 49 -6.49 -20.10 4.13
C PHE B 49 -7.52 -19.01 3.93
N TYR B 50 -8.81 -19.39 3.95
CA TYR B 50 -9.90 -18.53 3.49
C TYR B 50 -10.87 -18.02 4.55
N ASP B 51 -11.55 -18.93 5.24
CA ASP B 51 -12.61 -18.54 6.17
C ASP B 51 -12.15 -18.01 7.54
N GLN B 52 -10.89 -18.21 7.91
CA GLN B 52 -10.35 -17.69 9.17
C GLN B 52 -8.95 -17.03 9.10
N GLY B 53 -8.03 -17.63 8.35
CA GLY B 53 -6.60 -17.27 8.41
C GLY B 53 -5.90 -18.06 9.51
N ALA B 54 -4.58 -18.18 9.43
CA ALA B 54 -3.81 -19.02 10.34
C ALA B 54 -3.98 -18.66 11.82
N GLU B 55 -3.88 -17.38 12.16
CA GLU B 55 -3.93 -16.97 13.56
C GLU B 55 -5.31 -17.26 14.17
N GLU B 56 -6.36 -16.88 13.47
CA GLU B 56 -7.73 -17.15 13.93
C GLU B 56 -8.08 -18.66 13.89
N PHE B 57 -7.57 -19.36 12.89
CA PHE B 57 -7.65 -20.81 12.80
C PHE B 57 -7.22 -21.44 14.13
N PHE B 58 -6.04 -21.10 14.60
CA PHE B 58 -5.50 -21.64 15.85
C PHE B 58 -6.15 -21.10 17.13
N LYS B 59 -6.46 -19.80 17.15
CA LYS B 59 -7.05 -19.20 18.33
C LYS B 59 -8.48 -19.65 18.59
N SER B 60 -9.22 -19.93 17.51
CA SER B 60 -10.63 -20.26 17.62
C SER B 60 -10.74 -21.65 18.22
N ARG B 61 -9.76 -22.49 17.88
CA ARG B 61 -9.72 -23.87 18.36
C ARG B 61 -9.19 -24.02 19.79
N ILE B 62 -8.29 -23.14 20.21
CA ILE B 62 -7.91 -23.03 21.61
C ILE B 62 -9.17 -22.75 22.45
N ARG B 63 -9.99 -21.82 21.98
CA ARG B 63 -11.21 -21.45 22.68
C ARG B 63 -12.23 -22.60 22.66
N LYS B 64 -12.48 -23.12 21.47
CA LYS B 64 -13.37 -24.27 21.27
C LYS B 64 -12.99 -25.43 22.20
N TYR B 65 -11.72 -25.80 22.20
CA TYR B 65 -11.30 -26.96 22.98
C TYR B 65 -10.89 -26.67 24.41
N ASN B 66 -10.81 -25.38 24.75
N ASN B 66 -10.78 -25.39 24.76
CA ASN B 66 -10.24 -24.91 26.02
CA ASN B 66 -10.27 -24.98 26.07
C ASN B 66 -8.87 -25.52 26.32
C ASN B 66 -8.84 -25.51 26.34
N SER B 67 -8.02 -25.53 25.29
CA SER B 67 -6.70 -26.16 25.35
C SER B 67 -5.77 -25.50 24.38
N THR B 68 -4.51 -25.32 24.78
CA THR B 68 -3.45 -24.87 23.90
C THR B 68 -2.76 -26.07 23.22
N VAL B 69 -3.20 -27.29 23.56
CA VAL B 69 -2.77 -28.51 22.88
C VAL B 69 -4.01 -29.27 22.38
N TYR B 70 -4.08 -29.50 21.06
CA TYR B 70 -5.21 -30.23 20.46
C TYR B 70 -4.85 -30.86 19.13
N ARG B 71 -5.69 -31.79 18.69
CA ARG B 71 -5.61 -32.40 17.37
C ARG B 71 -6.22 -31.51 16.28
N VAL B 72 -5.53 -31.40 15.13
CA VAL B 72 -6.04 -30.63 14.00
C VAL B 72 -5.38 -31.11 12.70
N ASN B 73 -6.09 -31.00 11.57
CA ASN B 73 -5.50 -31.18 10.25
C ASN B 73 -4.79 -29.93 9.78
N MET B 74 -3.62 -30.12 9.20
CA MET B 74 -2.86 -29.04 8.60
C MET B 74 -2.78 -29.20 7.08
N PRO B 75 -2.64 -28.07 6.34
CA PRO B 75 -2.39 -28.15 4.90
C PRO B 75 -0.99 -28.73 4.66
N PRO B 76 -0.70 -29.23 3.44
CA PRO B 76 -1.62 -29.23 2.29
C PRO B 76 -2.62 -30.39 2.14
N GLY B 77 -2.40 -31.51 2.83
CA GLY B 77 -3.25 -32.69 2.62
C GLY B 77 -3.31 -33.02 1.13
N ALA B 78 -4.51 -33.41 0.67
CA ALA B 78 -4.84 -33.64 -0.75
C ALA B 78 -3.89 -34.64 -1.31
N PHE B 79 -3.22 -34.32 -2.41
CA PHE B 79 -2.32 -35.28 -3.03
C PHE B 79 -0.84 -34.99 -2.72
N ILE B 80 -0.60 -33.85 -2.06
CA ILE B 80 0.76 -33.43 -1.77
C ILE B 80 1.30 -34.06 -0.48
N ALA B 81 0.51 -34.03 0.59
CA ALA B 81 0.88 -34.66 1.87
C ALA B 81 0.09 -35.95 2.10
N GLU B 82 0.77 -36.99 2.53
CA GLU B 82 0.15 -38.28 2.81
C GLU B 82 -0.77 -38.22 4.02
N ASN B 83 -0.35 -37.46 5.04
CA ASN B 83 -1.05 -37.41 6.32
C ASN B 83 -1.02 -35.99 6.91
N PRO B 84 -2.19 -35.32 6.95
CA PRO B 84 -2.26 -33.94 7.45
C PRO B 84 -2.48 -33.84 8.98
N GLN B 85 -2.57 -34.97 9.66
CA GLN B 85 -2.91 -35.03 11.09
C GLN B 85 -1.75 -34.67 12.02
N VAL B 86 -1.97 -33.65 12.85
CA VAL B 86 -0.98 -33.21 13.82
C VAL B 86 -1.57 -33.06 15.22
N VAL B 87 -0.68 -33.06 16.20
CA VAL B 87 -0.99 -32.53 17.51
C VAL B 87 -0.34 -31.15 17.59
N ALA B 88 -1.17 -30.13 17.75
CA ALA B 88 -0.74 -28.73 17.75
C ALA B 88 -0.34 -28.29 19.17
N LEU B 89 0.83 -27.65 19.28
CA LEU B 89 1.36 -27.18 20.55
C LEU B 89 1.38 -25.65 20.51
N LEU B 90 0.49 -25.02 21.28
CA LEU B 90 0.24 -23.57 21.10
C LEU B 90 0.45 -22.67 22.33
N ASP B 91 1.46 -22.99 23.13
CA ASP B 91 1.86 -22.22 24.29
C ASP B 91 3.37 -22.40 24.46
N GLY B 92 4.01 -21.55 25.27
CA GLY B 92 5.44 -21.60 25.45
C GLY B 92 5.98 -22.70 26.38
N LYS B 93 5.08 -23.41 27.06
CA LYS B 93 5.47 -24.55 27.86
C LYS B 93 5.56 -25.85 27.07
N SER B 94 4.55 -26.13 26.26
CA SER B 94 4.53 -27.35 25.47
C SER B 94 5.43 -27.26 24.25
N PHE B 95 5.42 -26.11 23.59
CA PHE B 95 6.17 -25.89 22.32
C PHE B 95 7.63 -26.38 22.31
N PRO B 96 8.41 -26.08 23.37
CA PRO B 96 9.82 -26.49 23.37
C PRO B 96 10.12 -27.99 23.19
N VAL B 97 9.12 -28.85 23.28
CA VAL B 97 9.36 -30.26 23.01
C VAL B 97 9.91 -30.42 21.59
N LEU B 98 9.54 -29.48 20.73
CA LEU B 98 9.93 -29.47 19.32
C LEU B 98 11.44 -29.29 19.09
N PHE B 99 12.17 -28.90 20.14
CA PHE B 99 13.62 -28.66 20.10
C PHE B 99 14.41 -29.86 20.54
N ASP B 100 13.74 -30.81 21.19
CA ASP B 100 14.41 -31.86 21.91
C ASP B 100 14.56 -33.07 21.01
N VAL B 101 15.80 -33.29 20.55
CA VAL B 101 16.11 -34.39 19.62
C VAL B 101 16.00 -35.77 20.26
N ASP B 102 15.78 -35.84 21.58
CA ASP B 102 15.47 -37.12 22.21
C ASP B 102 14.00 -37.40 22.01
N LYS B 103 13.22 -36.35 21.79
CA LYS B 103 11.77 -36.51 21.79
C LYS B 103 11.15 -36.51 20.39
N VAL B 104 11.71 -35.69 19.51
CA VAL B 104 11.22 -35.53 18.15
C VAL B 104 12.28 -35.88 17.08
N GLU B 105 11.82 -36.62 16.08
CA GLU B 105 12.57 -36.80 14.84
C GLU B 105 12.36 -35.57 13.96
N LYS B 106 13.42 -35.16 13.27
CA LYS B 106 13.36 -33.98 12.43
C LYS B 106 13.75 -34.32 11.00
N LYS B 107 13.26 -35.43 10.49
CA LYS B 107 13.65 -35.84 9.14
C LYS B 107 12.57 -35.53 8.12
N ASP B 108 12.97 -34.77 7.09
CA ASP B 108 12.13 -34.48 5.94
C ASP B 108 10.87 -33.65 6.26
N LEU B 109 10.93 -32.78 7.28
CA LEU B 109 9.75 -32.04 7.77
C LEU B 109 9.98 -30.53 7.99
N PHE B 110 11.06 -30.01 7.39
CA PHE B 110 11.37 -28.59 7.35
C PHE B 110 10.13 -27.79 6.91
N THR B 111 9.42 -28.29 5.91
CA THR B 111 8.19 -27.65 5.42
C THR B 111 6.89 -28.30 5.92
N GLY B 112 7.00 -29.20 6.91
CA GLY B 112 5.81 -29.82 7.49
C GLY B 112 5.48 -31.23 7.03
N THR B 113 4.21 -31.43 6.65
CA THR B 113 3.68 -32.78 6.38
C THR B 113 3.92 -33.27 4.93
N TYR B 114 4.66 -32.46 4.17
CA TYR B 114 5.08 -32.79 2.82
C TYR B 114 6.50 -32.29 2.71
N MET B 115 7.27 -32.84 1.77
CA MET B 115 8.61 -32.33 1.48
C MET B 115 8.66 -31.99 -0.01
N PRO B 116 9.16 -30.79 -0.34
CA PRO B 116 9.31 -30.51 -1.77
C PRO B 116 10.19 -31.57 -2.43
N SER B 117 9.90 -31.88 -3.69
CA SER B 117 10.70 -32.80 -4.50
C SER B 117 12.18 -32.44 -4.45
N THR B 118 13.04 -33.47 -4.43
CA THR B 118 14.50 -33.23 -4.45
C THR B 118 14.99 -32.76 -5.83
N GLU B 119 14.14 -32.92 -6.86
CA GLU B 119 14.36 -32.30 -8.17
C GLU B 119 14.45 -30.76 -8.11
N LEU B 120 13.88 -30.16 -7.06
CA LEU B 120 14.03 -28.73 -6.78
C LEU B 120 15.41 -28.35 -6.18
N THR B 121 16.20 -29.37 -5.80
CA THR B 121 17.43 -29.18 -5.06
C THR B 121 18.50 -30.13 -5.61
N GLY B 122 18.57 -30.22 -6.94
CA GLY B 122 19.60 -30.99 -7.63
C GLY B 122 19.66 -32.48 -7.35
N GLY B 123 18.56 -33.05 -6.86
CA GLY B 123 18.52 -34.46 -6.52
C GLY B 123 18.86 -34.74 -5.05
N TYR B 124 19.27 -33.69 -4.32
CA TYR B 124 19.79 -33.84 -2.96
C TYR B 124 18.73 -33.60 -1.93
N ARG B 125 18.84 -34.32 -0.82
CA ARG B 125 18.16 -33.95 0.42
C ARG B 125 19.14 -33.06 1.17
N ILE B 126 18.80 -31.77 1.15
CA ILE B 126 19.61 -30.66 1.61
C ILE B 126 19.59 -30.64 3.14
N LEU B 127 20.63 -30.07 3.75
CA LEU B 127 20.80 -30.01 5.21
C LEU B 127 19.53 -29.77 6.04
N SER B 128 18.65 -28.87 5.60
CA SER B 128 17.48 -28.47 6.41
C SER B 128 16.48 -29.61 6.70
N TYR B 129 16.56 -30.65 5.87
CA TYR B 129 15.67 -31.81 5.89
C TYR B 129 16.28 -33.02 6.63
N LEU B 130 17.55 -32.89 7.00
CA LEU B 130 18.30 -33.97 7.60
C LEU B 130 18.11 -34.05 9.13
N ASP B 131 17.84 -35.26 9.62
CA ASP B 131 17.87 -35.54 11.03
C ASP B 131 19.34 -35.54 11.51
N PRO B 132 19.59 -35.03 12.73
CA PRO B 132 20.95 -35.08 13.30
C PRO B 132 21.61 -36.47 13.28
N SER B 133 20.82 -37.53 13.40
CA SER B 133 21.36 -38.89 13.28
C SER B 133 21.98 -39.21 11.90
N GLU B 134 21.65 -38.41 10.88
CA GLU B 134 22.25 -38.58 9.54
C GLU B 134 23.68 -37.97 9.46
N PRO B 135 24.67 -38.76 9.06
CA PRO B 135 26.07 -38.26 9.05
C PRO B 135 26.31 -36.98 8.26
N LYS B 136 25.58 -36.80 7.15
CA LYS B 136 25.69 -35.59 6.32
C LYS B 136 25.19 -34.36 7.05
N HIS B 137 24.32 -34.55 8.04
CA HIS B 137 23.83 -33.40 8.81
C HIS B 137 25.00 -32.71 9.49
N GLU B 138 25.90 -33.50 10.12
CA GLU B 138 27.04 -32.95 10.88
C GLU B 138 28.05 -32.28 9.96
N LYS B 139 28.36 -32.93 8.83
CA LYS B 139 29.29 -32.40 7.84
C LYS B 139 28.81 -31.09 7.23
N LEU B 140 27.54 -31.07 6.79
CA LEU B 140 26.98 -29.94 6.07
C LEU B 140 26.72 -28.76 6.98
N LYS B 141 26.36 -29.03 8.23
CA LYS B 141 26.20 -27.94 9.19
C LYS B 141 27.55 -27.35 9.51
N ASN B 142 28.55 -28.20 9.68
CA ASN B 142 29.95 -27.77 9.79
C ASN B 142 30.43 -26.87 8.64
N LEU B 143 30.11 -27.23 7.39
CA LEU B 143 30.41 -26.36 6.24
C LEU B 143 29.79 -24.96 6.36
N LEU B 144 28.56 -24.89 6.86
CA LEU B 144 27.90 -23.59 7.08
C LEU B 144 28.50 -22.81 8.24
N PHE B 145 28.80 -23.49 9.37
CA PHE B 145 29.55 -22.87 10.47
C PHE B 145 30.84 -22.27 9.95
N PHE B 146 31.48 -22.98 9.02
CA PHE B 146 32.66 -22.45 8.35
C PHE B 146 32.35 -21.24 7.46
N LEU B 147 31.30 -21.32 6.65
CA LEU B 147 30.87 -20.18 5.84
C LEU B 147 30.71 -18.91 6.70
N LEU B 148 30.01 -19.04 7.82
CA LEU B 148 29.75 -17.93 8.71
C LEU B 148 31.02 -17.37 9.34
N LYS B 149 31.82 -18.25 9.96
CA LYS B 149 33.12 -17.87 10.56
C LYS B 149 34.10 -17.23 9.57
N SER B 150 34.21 -17.75 8.34
CA SER B 150 35.05 -17.13 7.30
C SER B 150 34.62 -15.72 6.93
N SER B 151 33.37 -15.38 7.17
CA SER B 151 32.85 -14.15 6.62
C SER B 151 32.79 -13.05 7.67
N ARG B 152 33.24 -13.35 8.87
CA ARG B 152 33.17 -12.44 10.02
C ARG B 152 33.76 -11.04 9.79
N ASN B 153 34.88 -10.94 9.07
CA ASN B 153 35.49 -9.63 8.81
C ASN B 153 34.97 -8.90 7.57
N ARG B 154 33.97 -9.47 6.91
CA ARG B 154 33.30 -8.81 5.77
C ARG B 154 31.91 -8.30 6.13
N ILE B 155 31.29 -8.91 7.15
CA ILE B 155 29.91 -8.62 7.50
C ILE B 155 29.66 -7.14 7.76
N PHE B 156 30.44 -6.52 8.65
CA PHE B 156 30.22 -5.11 9.02
C PHE B 156 30.35 -4.15 7.83
N PRO B 157 31.50 -4.19 7.12
CA PRO B 157 31.67 -3.28 5.97
C PRO B 157 30.71 -3.51 4.80
N GLU B 158 30.40 -4.77 4.49
CA GLU B 158 29.51 -5.07 3.35
C GLU B 158 28.06 -4.74 3.64
N PHE B 159 27.68 -4.88 4.90
CA PHE B 159 26.37 -4.46 5.33
C PHE B 159 26.29 -2.96 5.22
N GLN B 160 27.32 -2.26 5.75
CA GLN B 160 27.29 -0.79 5.75
C GLN B 160 27.25 -0.29 4.32
N ALA B 161 28.09 -0.87 3.46
CA ALA B 161 28.18 -0.43 2.07
C ALA B 161 26.86 -0.65 1.34
N THR B 162 26.31 -1.87 1.38
CA THR B 162 25.10 -2.20 0.61
C THR B 162 23.84 -1.50 1.12
N TYR B 163 23.65 -1.48 2.43
CA TYR B 163 22.47 -0.85 3.00
C TYR B 163 22.48 0.67 2.99
N SER B 164 23.65 1.28 3.05
CA SER B 164 23.67 2.73 2.94
C SER B 164 23.25 3.11 1.51
N GLU B 165 23.70 2.33 0.52
CA GLU B 165 23.20 2.53 -0.84
C GLU B 165 21.68 2.40 -0.93
N LEU B 166 21.14 1.37 -0.26
CA LEU B 166 19.71 1.19 -0.16
C LEU B 166 19.02 2.45 0.37
N PHE B 167 19.45 2.96 1.53
CA PHE B 167 18.81 4.14 2.11
C PHE B 167 18.97 5.43 1.27
N ASP B 168 20.14 5.62 0.67
CA ASP B 168 20.33 6.74 -0.29
C ASP B 168 19.27 6.67 -1.40
N SER B 169 19.06 5.46 -1.93
CA SER B 169 18.09 5.22 -2.98
C SER B 169 16.64 5.46 -2.52
N LEU B 170 16.33 4.99 -1.31
CA LEU B 170 15.02 5.21 -0.70
C LEU B 170 14.72 6.69 -0.45
N GLU B 171 15.71 7.43 0.05
CA GLU B 171 15.57 8.87 0.27
C GLU B 171 15.13 9.59 -1.01
N LYS B 172 15.79 9.22 -2.12
CA LYS B 172 15.47 9.72 -3.45
C LYS B 172 14.02 9.42 -3.84
N GLU B 173 13.66 8.14 -3.78
CA GLU B 173 12.31 7.66 -4.13
C GLU B 173 11.19 8.39 -3.35
N LEU B 174 11.51 8.79 -2.12
CA LEU B 174 10.57 9.49 -1.22
C LEU B 174 10.29 10.91 -1.70
N SER B 175 11.36 11.65 -2.03
CA SER B 175 11.23 13.02 -2.54
C SER B 175 10.45 13.07 -3.85
N LEU B 176 10.61 12.04 -4.69
CA LEU B 176 9.89 11.91 -5.95
C LEU B 176 8.44 11.46 -5.82
N LYS B 177 8.18 10.48 -4.96
CA LYS B 177 6.86 9.82 -4.94
C LYS B 177 6.02 10.04 -3.67
N GLY B 178 6.60 10.66 -2.65
CA GLY B 178 5.89 10.88 -1.39
C GLY B 178 5.82 9.66 -0.50
N LYS B 179 6.27 8.53 -1.03
CA LYS B 179 6.47 7.30 -0.27
C LYS B 179 7.59 6.48 -0.94
N ALA B 180 8.25 5.62 -0.16
CA ALA B 180 9.36 4.83 -0.66
C ALA B 180 9.19 3.37 -0.27
N ASP B 181 9.08 2.53 -1.30
CA ASP B 181 8.81 1.11 -1.16
C ASP B 181 10.03 0.34 -0.63
N PHE B 182 10.00 -0.01 0.65
CA PHE B 182 11.13 -0.71 1.26
C PHE B 182 11.34 -2.10 0.63
N GLY B 183 10.31 -2.94 0.68
CA GLY B 183 10.37 -4.30 0.10
C GLY B 183 10.84 -4.31 -1.35
N GLY B 184 10.30 -3.40 -2.14
CA GLY B 184 10.75 -3.28 -3.52
C GLY B 184 12.25 -3.29 -3.72
N SER B 185 12.98 -2.53 -2.90
CA SER B 185 14.43 -2.37 -3.06
C SER B 185 15.31 -3.28 -2.20
N SER B 186 14.81 -3.63 -1.00
CA SER B 186 15.61 -4.32 0.00
C SER B 186 15.96 -5.79 -0.30
N ASP B 187 15.15 -6.45 -1.12
CA ASP B 187 15.43 -7.80 -1.60
C ASP B 187 16.76 -7.88 -2.34
N GLY B 188 16.96 -6.99 -3.31
CA GLY B 188 18.20 -6.93 -4.04
C GLY B 188 19.35 -6.64 -3.10
N THR B 189 19.13 -5.69 -2.20
CA THR B 189 20.13 -5.26 -1.24
C THR B 189 20.54 -6.43 -0.36
N ALA B 190 19.54 -7.17 0.13
CA ALA B 190 19.79 -8.34 0.96
C ALA B 190 20.69 -9.37 0.28
N PHE B 191 20.42 -9.64 -1.00
CA PHE B 191 21.19 -10.63 -1.74
C PHE B 191 22.58 -10.14 -2.09
N ASN B 192 22.70 -8.89 -2.51
CA ASN B 192 24.01 -8.33 -2.80
C ASN B 192 24.87 -8.37 -1.54
N PHE B 193 24.27 -7.98 -0.42
CA PHE B 193 24.94 -8.10 0.87
C PHE B 193 25.43 -9.54 1.16
N LEU B 194 24.59 -10.55 0.97
CA LEU B 194 24.99 -11.91 1.33
C LEU B 194 26.07 -12.41 0.41
N ALA B 195 25.98 -12.06 -0.87
CA ALA B 195 26.95 -12.47 -1.88
C ALA B 195 28.32 -11.91 -1.55
N ARG B 196 28.33 -10.63 -1.20
CA ARG B 196 29.57 -9.90 -0.88
C ARG B 196 30.14 -10.31 0.47
N ALA B 197 29.30 -10.39 1.49
CA ALA B 197 29.75 -10.87 2.80
C ALA B 197 30.20 -12.34 2.75
N PHE B 198 29.40 -13.21 2.14
CA PHE B 198 29.68 -14.65 2.17
C PHE B 198 30.78 -15.09 1.18
N TYR B 199 30.76 -14.53 -0.04
CA TYR B 199 31.65 -15.01 -1.09
C TYR B 199 32.50 -13.91 -1.77
N GLY B 200 32.55 -12.73 -1.15
CA GLY B 200 33.30 -11.60 -1.71
C GLY B 200 32.93 -11.32 -3.16
N THR B 201 31.65 -11.46 -3.49
CA THR B 201 31.20 -11.41 -4.88
C THR B 201 30.03 -10.46 -5.07
N ASN B 202 30.19 -9.51 -5.98
CA ASN B 202 29.11 -8.58 -6.33
C ASN B 202 28.27 -9.19 -7.46
N PRO B 203 26.98 -9.51 -7.19
CA PRO B 203 26.14 -10.09 -8.25
C PRO B 203 26.03 -9.23 -9.53
N ALA B 204 26.21 -7.91 -9.40
CA ALA B 204 26.18 -6.99 -10.55
C ALA B 204 27.33 -7.23 -11.54
N ASP B 205 28.44 -7.79 -11.03
CA ASP B 205 29.63 -8.11 -11.83
C ASP B 205 29.59 -9.56 -12.39
N THR B 206 28.45 -10.23 -12.20
CA THR B 206 28.27 -11.61 -12.66
C THR B 206 27.07 -11.67 -13.62
N LYS B 207 26.82 -12.87 -14.15
CA LYS B 207 25.69 -13.10 -15.05
C LYS B 207 24.36 -12.99 -14.34
N LEU B 208 24.36 -13.05 -13.01
CA LEU B 208 23.13 -12.94 -12.24
C LEU B 208 22.49 -11.55 -12.36
N LYS B 209 23.31 -10.53 -12.59
CA LYS B 209 22.85 -9.13 -12.67
C LYS B 209 22.03 -8.74 -11.43
N ALA B 210 20.87 -8.13 -11.64
CA ALA B 210 19.95 -7.84 -10.56
C ALA B 210 18.83 -8.89 -10.49
N ASP B 211 19.01 -10.03 -11.16
CA ASP B 211 17.95 -11.02 -11.32
C ASP B 211 17.63 -11.94 -10.13
N ALA B 212 18.61 -12.13 -9.24
CA ALA B 212 18.49 -13.11 -8.13
C ALA B 212 17.17 -13.10 -7.34
N PRO B 213 16.71 -11.93 -6.87
CA PRO B 213 15.44 -11.93 -6.13
C PRO B 213 14.25 -12.57 -6.85
N GLY B 214 14.05 -12.24 -8.13
CA GLY B 214 13.01 -12.86 -8.94
C GLY B 214 13.21 -14.35 -9.13
N LEU B 215 14.46 -14.76 -9.37
CA LEU B 215 14.82 -16.16 -9.56
C LEU B 215 14.49 -16.98 -8.33
N ILE B 216 14.93 -16.49 -7.17
CA ILE B 216 14.72 -17.15 -5.89
C ILE B 216 13.24 -17.18 -5.48
N THR B 217 12.52 -16.09 -5.76
CA THR B 217 11.11 -15.99 -5.41
C THR B 217 10.29 -17.08 -6.12
N LYS B 218 10.47 -17.20 -7.43
CA LYS B 218 9.83 -18.28 -8.22
C LYS B 218 10.20 -19.67 -7.68
N TRP B 219 11.50 -19.90 -7.45
CA TRP B 219 11.96 -21.19 -6.93
C TRP B 219 11.35 -21.50 -5.56
N VAL B 220 11.40 -20.55 -4.63
CA VAL B 220 10.76 -20.72 -3.33
C VAL B 220 9.26 -21.01 -3.46
N LEU B 221 8.58 -20.32 -4.39
N LEU B 221 8.59 -20.36 -4.40
CA LEU B 221 7.17 -20.56 -4.67
CA LEU B 221 7.15 -20.58 -4.57
C LEU B 221 6.97 -22.05 -4.96
C LEU B 221 6.80 -21.96 -5.19
N PHE B 222 7.76 -22.56 -5.90
CA PHE B 222 7.64 -23.96 -6.33
C PHE B 222 7.82 -24.94 -5.18
N ASN B 223 8.58 -24.53 -4.15
CA ASN B 223 8.74 -25.29 -2.90
C ASN B 223 7.56 -25.18 -1.94
N LEU B 224 7.02 -23.97 -1.83
CA LEU B 224 6.16 -23.60 -0.69
C LEU B 224 4.70 -23.32 -1.02
N HIS B 225 4.34 -23.38 -2.31
CA HIS B 225 2.97 -23.09 -2.78
C HIS B 225 1.85 -23.89 -2.09
N PRO B 226 2.11 -25.16 -1.66
CA PRO B 226 1.05 -25.88 -0.95
C PRO B 226 0.64 -25.26 0.40
N LEU B 227 1.48 -24.36 0.93
CA LEU B 227 1.26 -23.69 2.23
C LEU B 227 0.85 -22.21 2.11
N LEU B 228 0.66 -21.74 0.89
CA LEU B 228 0.52 -20.31 0.67
C LEU B 228 -0.75 -19.98 -0.06
N SER B 229 -1.28 -18.80 0.23
CA SER B 229 -2.37 -18.21 -0.51
C SER B 229 -1.91 -16.85 -1.04
N ILE B 230 -2.48 -16.45 -2.18
CA ILE B 230 -2.35 -15.10 -2.73
C ILE B 230 -3.75 -14.47 -2.74
N GLY B 231 -4.02 -13.61 -3.71
CA GLY B 231 -5.33 -12.95 -3.79
C GLY B 231 -6.45 -13.86 -4.27
N LEU B 232 -6.07 -14.82 -5.13
CA LEU B 232 -7.00 -15.55 -5.99
C LEU B 232 -8.14 -16.25 -5.25
N PRO B 233 -9.33 -16.36 -5.88
CA PRO B 233 -10.40 -17.11 -5.22
C PRO B 233 -10.07 -18.59 -4.99
N ARG B 234 -10.70 -19.14 -3.96
CA ARG B 234 -10.66 -20.55 -3.63
C ARG B 234 -10.79 -21.49 -4.84
N VAL B 235 -11.69 -21.17 -5.77
CA VAL B 235 -11.96 -22.05 -6.92
C VAL B 235 -10.80 -22.15 -7.90
N ILE B 236 -9.91 -21.16 -7.87
CA ILE B 236 -8.69 -21.19 -8.69
C ILE B 236 -7.49 -21.73 -7.88
N GLU B 237 -7.24 -21.16 -6.70
CA GLU B 237 -6.09 -21.54 -5.85
C GLU B 237 -6.03 -23.00 -5.46
N GLU B 238 -7.16 -23.51 -5.00
CA GLU B 238 -7.28 -24.90 -4.52
C GLU B 238 -6.83 -25.94 -5.53
N PRO B 239 -7.41 -25.94 -6.75
CA PRO B 239 -6.93 -26.92 -7.71
C PRO B 239 -5.55 -26.57 -8.31
N LEU B 240 -5.21 -25.30 -8.37
CA LEU B 240 -3.94 -24.85 -8.99
C LEU B 240 -2.68 -25.00 -8.15
N ILE B 241 -2.76 -24.65 -6.84
CA ILE B 241 -1.60 -24.72 -5.95
C ILE B 241 -1.81 -25.48 -4.63
N HIS B 242 -3.02 -25.93 -4.31
CA HIS B 242 -3.26 -26.61 -3.02
C HIS B 242 -3.51 -28.13 -3.11
N THR B 243 -3.64 -28.66 -4.33
CA THR B 243 -4.00 -30.07 -4.56
C THR B 243 -2.82 -30.94 -5.05
N PHE B 244 -2.07 -30.44 -6.02
CA PHE B 244 -0.91 -31.16 -6.57
C PHE B 244 0.32 -30.25 -6.57
N SER B 245 1.50 -30.86 -6.65
CA SER B 245 2.76 -30.13 -6.78
C SER B 245 2.90 -29.48 -8.15
N LEU B 246 3.32 -28.23 -8.19
CA LEU B 246 3.71 -27.61 -9.45
C LEU B 246 4.95 -28.36 -9.94
N PRO B 247 5.04 -28.63 -11.26
CA PRO B 247 6.19 -29.45 -11.70
C PRO B 247 7.54 -28.75 -11.63
N PRO B 248 8.53 -29.39 -10.96
CA PRO B 248 9.88 -28.79 -10.78
C PRO B 248 10.62 -28.43 -12.06
N ALA B 249 10.30 -29.11 -13.17
CA ALA B 249 10.90 -28.83 -14.48
C ALA B 249 10.74 -27.37 -14.90
N LEU B 250 9.63 -26.76 -14.51
CA LEU B 250 9.30 -25.43 -15.00
C LEU B 250 10.09 -24.29 -14.33
N VAL B 251 10.91 -24.66 -13.34
CA VAL B 251 11.75 -23.72 -12.61
C VAL B 251 13.24 -24.12 -12.69
N LYS B 252 13.52 -25.25 -13.35
CA LYS B 252 14.89 -25.79 -13.49
C LYS B 252 15.97 -24.83 -14.01
N SER B 253 15.67 -24.13 -15.09
CA SER B 253 16.67 -23.29 -15.71
C SER B 253 16.88 -22.02 -14.89
N ASP B 254 15.88 -21.61 -14.12
CA ASP B 254 16.03 -20.48 -13.20
C ASP B 254 16.95 -20.82 -12.04
N TYR B 255 16.71 -21.98 -11.45
CA TYR B 255 17.61 -22.61 -10.48
C TYR B 255 19.05 -22.70 -10.97
N GLN B 256 19.21 -23.15 -12.21
CA GLN B 256 20.52 -23.41 -12.81
C GLN B 256 21.36 -22.16 -12.91
N ARG B 257 20.69 -21.05 -13.23
CA ARG B 257 21.29 -19.74 -13.14
C ARG B 257 21.85 -19.49 -11.73
N LEU B 258 21.05 -19.75 -10.69
CA LEU B 258 21.53 -19.58 -9.30
C LEU B 258 22.67 -20.54 -8.98
N TYR B 259 22.52 -21.81 -9.33
CA TYR B 259 23.54 -22.83 -9.11
C TYR B 259 24.93 -22.43 -9.69
N GLU B 260 24.96 -21.98 -10.95
N GLU B 260 24.93 -21.99 -10.95
CA GLU B 260 26.21 -21.58 -11.60
CA GLU B 260 26.12 -21.52 -11.66
C GLU B 260 26.89 -20.41 -10.86
C GLU B 260 26.86 -20.42 -10.87
N PHE B 261 26.09 -19.47 -10.38
CA PHE B 261 26.61 -18.36 -9.58
C PHE B 261 27.25 -18.85 -8.27
N PHE B 262 26.61 -19.76 -7.56
CA PHE B 262 27.15 -20.25 -6.30
C PHE B 262 28.39 -21.10 -6.51
N LEU B 263 28.39 -21.93 -7.55
CA LEU B 263 29.54 -22.76 -7.88
C LEU B 263 30.78 -21.93 -8.24
N GLU B 264 30.57 -20.83 -8.97
CA GLU B 264 31.68 -20.01 -9.43
C GLU B 264 32.18 -19.03 -8.37
N SER B 265 31.27 -18.58 -7.49
CA SER B 265 31.58 -17.59 -6.46
C SER B 265 32.10 -18.19 -5.16
N ALA B 266 31.83 -19.48 -4.93
CA ALA B 266 31.99 -20.07 -3.60
C ALA B 266 33.32 -20.75 -3.37
N GLY B 267 34.33 -20.36 -4.15
CA GLY B 267 35.62 -21.08 -4.21
C GLY B 267 36.29 -21.42 -2.90
N GLU B 268 36.40 -20.45 -2.00
CA GLU B 268 37.09 -20.67 -0.73
C GLU B 268 36.34 -21.64 0.18
N ILE B 269 35.01 -21.62 0.13
N ILE B 269 35.01 -21.61 0.09
CA ILE B 269 34.21 -22.54 0.94
CA ILE B 269 34.13 -22.49 0.87
C ILE B 269 34.12 -23.95 0.31
C ILE B 269 34.14 -23.92 0.31
N LEU B 270 34.30 -24.04 -1.00
CA LEU B 270 34.35 -25.33 -1.68
C LEU B 270 35.65 -26.08 -1.39
N VAL B 271 36.71 -25.36 -0.99
CA VAL B 271 37.93 -26.02 -0.51
C VAL B 271 37.60 -26.71 0.79
N GLU B 272 36.84 -26.04 1.64
CA GLU B 272 36.40 -26.62 2.91
C GLU B 272 35.44 -27.82 2.72
N ALA B 273 34.63 -27.79 1.66
CA ALA B 273 33.80 -28.93 1.31
C ALA B 273 34.64 -30.11 0.85
N ASP B 274 35.71 -29.85 0.09
CA ASP B 274 36.72 -30.87 -0.30
C ASP B 274 37.28 -31.56 0.96
N LYS B 275 37.67 -30.77 1.95
CA LYS B 275 38.23 -31.30 3.19
C LYS B 275 37.23 -32.15 3.94
N LEU B 276 35.96 -31.72 3.95
CA LEU B 276 34.88 -32.39 4.67
C LEU B 276 34.39 -33.69 4.01
N GLY B 277 34.86 -33.93 2.78
CA GLY B 277 34.48 -35.11 2.01
C GLY B 277 33.18 -34.96 1.28
N ILE B 278 32.78 -33.70 1.05
CA ILE B 278 31.55 -33.38 0.34
C ILE B 278 31.87 -32.97 -1.10
N SER B 279 31.10 -33.48 -2.06
CA SER B 279 31.26 -33.04 -3.45
C SER B 279 30.89 -31.56 -3.57
N ARG B 280 31.58 -30.88 -4.49
CA ARG B 280 31.31 -29.48 -4.79
C ARG B 280 29.93 -29.30 -5.34
N GLU B 281 29.39 -30.35 -5.95
CA GLU B 281 28.01 -30.36 -6.37
C GLU B 281 27.09 -30.34 -5.14
N GLU B 282 27.31 -31.25 -4.19
CA GLU B 282 26.46 -31.29 -3.00
C GLU B 282 26.60 -30.03 -2.16
N ALA B 283 27.85 -29.62 -1.90
CA ALA B 283 28.13 -28.38 -1.16
C ALA B 283 27.47 -27.14 -1.77
N THR B 284 27.51 -27.03 -3.10
CA THR B 284 26.95 -25.90 -3.82
C THR B 284 25.44 -25.82 -3.71
N HIS B 285 24.75 -26.95 -3.86
CA HIS B 285 23.31 -26.99 -3.65
C HIS B 285 22.95 -26.54 -2.24
N ASN B 286 23.77 -26.91 -1.27
CA ASN B 286 23.52 -26.59 0.13
C ASN B 286 23.80 -25.14 0.48
N LEU B 287 24.84 -24.58 -0.15
CA LEU B 287 25.15 -23.16 -0.08
C LEU B 287 24.06 -22.34 -0.73
N LEU B 288 23.66 -22.75 -1.94
CA LEU B 288 22.51 -22.15 -2.59
C LEU B 288 21.33 -22.14 -1.61
N PHE B 289 20.98 -23.32 -1.08
CA PHE B 289 19.82 -23.39 -0.22
C PHE B 289 19.94 -22.48 1.03
N ALA B 290 21.05 -22.60 1.77
CA ALA B 290 21.30 -21.79 2.99
C ALA B 290 21.26 -20.28 2.72
N THR B 291 21.77 -19.87 1.57
CA THR B 291 21.89 -18.45 1.26
C THR B 291 20.55 -17.91 0.78
N CYS B 292 19.94 -18.63 -0.15
CA CYS B 292 18.75 -18.18 -0.86
C CYS B 292 17.49 -18.45 -0.09
N PHE B 293 17.39 -19.64 0.50
CA PHE B 293 16.17 -20.09 1.17
C PHE B 293 16.20 -19.74 2.64
N ASN B 294 17.15 -20.31 3.39
CA ASN B 294 17.25 -20.04 4.83
C ASN B 294 17.52 -18.55 5.11
N THR B 295 18.59 -17.99 4.56
CA THR B 295 19.00 -16.63 4.92
C THR B 295 18.19 -15.53 4.24
N TRP B 296 18.27 -15.48 2.92
CA TRP B 296 17.61 -14.44 2.15
C TRP B 296 16.11 -14.51 2.35
N GLY B 297 15.51 -15.70 2.29
CA GLY B 297 14.09 -15.87 2.57
C GLY B 297 13.68 -15.32 3.94
N GLY B 298 14.48 -15.65 4.96
CA GLY B 298 14.25 -15.19 6.32
C GLY B 298 14.37 -13.68 6.45
N MET B 299 15.43 -13.10 5.85
CA MET B 299 15.64 -11.63 5.88
C MET B 299 14.48 -10.89 5.18
N LYS B 300 14.00 -11.50 4.11
CA LYS B 300 12.89 -10.99 3.34
C LYS B 300 11.61 -10.83 4.15
N ILE B 301 11.35 -11.77 5.04
CA ILE B 301 10.27 -11.64 6.00
C ILE B 301 10.63 -10.67 7.12
N LEU B 302 11.81 -10.86 7.73
CA LEU B 302 12.16 -10.13 8.95
C LEU B 302 12.33 -8.62 8.76
N PHE B 303 13.19 -8.18 7.85
CA PHE B 303 13.45 -6.75 7.72
C PHE B 303 12.21 -5.88 7.50
N PRO B 304 11.33 -6.23 6.53
CA PRO B 304 10.10 -5.44 6.37
C PRO B 304 9.20 -5.41 7.62
N ASN B 305 9.15 -6.50 8.37
CA ASN B 305 8.43 -6.52 9.66
C ASN B 305 9.06 -5.63 10.76
N MET B 306 10.40 -5.60 10.81
CA MET B 306 11.12 -4.73 11.73
C MET B 306 10.79 -3.25 11.43
N VAL B 307 10.83 -2.87 10.16
CA VAL B 307 10.55 -1.49 9.75
C VAL B 307 9.13 -1.10 10.18
N LYS B 308 8.17 -1.97 9.86
CA LYS B 308 6.77 -1.79 10.24
C LYS B 308 6.57 -1.66 11.77
N ARG B 309 7.09 -2.62 12.53
CA ARG B 309 6.98 -2.61 13.99
C ARG B 309 7.68 -1.44 14.67
N ILE B 310 8.93 -1.20 14.30
CA ILE B 310 9.70 -0.08 14.84
C ILE B 310 9.13 1.26 14.35
N GLY B 311 8.68 1.31 13.11
CA GLY B 311 7.87 2.46 12.66
C GLY B 311 6.72 2.77 13.60
N ARG B 312 5.86 1.79 13.87
CA ARG B 312 4.69 1.99 14.72
C ARG B 312 5.02 2.15 16.19
N ALA B 313 6.24 1.80 16.60
CA ALA B 313 6.70 1.98 17.98
C ALA B 313 6.68 3.46 18.42
N GLY B 314 6.86 4.37 17.46
CA GLY B 314 6.75 5.79 17.75
C GLY B 314 8.08 6.52 17.81
N HIS B 315 7.99 7.86 17.72
CA HIS B 315 9.13 8.77 17.60
C HIS B 315 9.99 8.92 18.85
N GLN B 316 9.40 8.80 20.04
CA GLN B 316 10.22 8.84 21.25
C GLN B 316 11.19 7.65 21.31
N VAL B 317 10.69 6.47 20.94
CA VAL B 317 11.50 5.26 20.81
C VAL B 317 12.59 5.48 19.75
N HIS B 318 12.22 6.08 18.62
CA HIS B 318 13.19 6.44 17.56
C HIS B 318 14.27 7.40 18.09
N ASN B 319 13.85 8.42 18.82
CA ASN B 319 14.78 9.34 19.45
C ASN B 319 15.77 8.63 20.41
N ARG B 320 15.25 7.73 21.26
CA ARG B 320 16.06 7.01 22.25
C ARG B 320 17.04 6.03 21.58
N LEU B 321 16.57 5.35 20.53
CA LEU B 321 17.44 4.47 19.73
C LEU B 321 18.57 5.24 19.01
N ALA B 322 18.22 6.34 18.35
CA ALA B 322 19.21 7.20 17.71
C ALA B 322 20.22 7.71 18.74
N GLU B 323 19.74 8.12 19.92
CA GLU B 323 20.63 8.67 20.96
C GLU B 323 21.61 7.61 21.48
N GLU B 324 21.11 6.41 21.72
CA GLU B 324 21.92 5.31 22.21
C GLU B 324 22.96 4.88 21.16
N ILE B 325 22.49 4.64 19.95
CA ILE B 325 23.34 4.12 18.88
C ILE B 325 24.48 5.11 18.60
N ARG B 326 24.16 6.39 18.37
CA ARG B 326 25.19 7.41 18.03
C ARG B 326 26.14 7.67 19.20
N SER B 327 25.62 7.69 20.42
CA SER B 327 26.47 7.97 21.57
C SER B 327 27.41 6.80 21.90
N VAL B 328 26.95 5.56 21.69
CA VAL B 328 27.79 4.39 21.90
C VAL B 328 28.94 4.28 20.85
N ILE B 329 28.63 4.58 19.60
CA ILE B 329 29.63 4.62 18.54
C ILE B 329 30.70 5.69 18.81
N LYS B 330 30.28 6.87 19.23
CA LYS B 330 31.21 7.97 19.52
C LYS B 330 32.17 7.59 20.64
N SER B 331 31.62 7.01 21.70
CA SER B 331 32.39 6.56 22.87
C SER B 331 33.32 5.40 22.55
N ASN B 332 32.96 4.59 21.56
CA ASN B 332 33.81 3.51 21.07
C ASN B 332 34.91 4.07 20.16
N GLY B 333 34.87 5.38 19.91
CA GLY B 333 35.90 6.07 19.14
C GLY B 333 35.56 6.31 17.68
N GLY B 334 34.28 6.24 17.35
CA GLY B 334 33.82 6.51 15.98
C GLY B 334 33.52 5.31 15.09
N GLU B 335 34.09 4.14 15.39
CA GLU B 335 33.80 2.97 14.60
C GLU B 335 32.92 1.95 15.36
N LEU B 336 32.17 1.17 14.59
CA LEU B 336 31.24 0.22 15.14
C LEU B 336 31.95 -1.12 15.27
N THR B 337 31.87 -1.72 16.46
CA THR B 337 32.45 -3.04 16.72
C THR B 337 31.41 -3.88 17.45
N MET B 338 31.63 -5.20 17.48
CA MET B 338 30.80 -6.13 18.25
C MET B 338 30.65 -5.70 19.71
N GLY B 339 31.75 -5.23 20.28
CA GLY B 339 31.77 -4.75 21.66
C GLY B 339 30.89 -3.54 21.91
N ALA B 340 30.80 -2.66 20.93
CA ALA B 340 29.98 -1.46 21.01
C ALA B 340 28.51 -1.85 20.98
N ILE B 341 28.15 -2.72 20.03
CA ILE B 341 26.79 -3.29 19.97
C ILE B 341 26.28 -3.87 21.32
N GLU B 342 27.11 -4.67 21.98
CA GLU B 342 26.74 -5.23 23.29
C GLU B 342 26.35 -4.18 24.37
N LYS B 343 26.82 -2.93 24.23
CA LYS B 343 26.42 -1.83 25.09
C LYS B 343 25.14 -1.15 24.62
N MET B 344 24.61 -1.53 23.46
CA MET B 344 23.37 -0.92 22.92
C MET B 344 22.16 -1.66 23.44
N GLU B 345 21.82 -1.37 24.69
CA GLU B 345 20.80 -2.09 25.44
C GLU B 345 19.40 -2.02 24.84
N LEU B 346 18.94 -0.82 24.47
CA LEU B 346 17.62 -0.68 23.85
C LEU B 346 17.61 -1.25 22.44
N THR B 347 18.72 -1.09 21.73
CA THR B 347 18.86 -1.65 20.39
C THR B 347 18.78 -3.19 20.44
N LYS B 348 19.42 -3.84 21.40
CA LYS B 348 19.40 -5.29 21.45
C LYS B 348 17.99 -5.79 21.76
N SER B 349 17.36 -5.11 22.71
CA SER B 349 16.02 -5.44 23.15
C SER B 349 14.98 -5.30 22.05
N VAL B 350 15.02 -4.22 21.27
N VAL B 350 15.03 -4.22 21.26
CA VAL B 350 14.01 -4.06 20.21
CA VAL B 350 14.03 -4.01 20.19
C VAL B 350 14.11 -5.17 19.16
C VAL B 350 14.12 -5.05 19.07
N VAL B 351 15.34 -5.53 18.82
CA VAL B 351 15.58 -6.61 17.85
C VAL B 351 14.92 -7.91 18.37
N TYR B 352 15.22 -8.26 19.61
CA TYR B 352 14.63 -9.43 20.28
C TYR B 352 13.09 -9.34 20.40
N GLU B 353 12.56 -8.14 20.60
CA GLU B 353 11.13 -7.92 20.64
C GLU B 353 10.45 -8.10 19.26
N CYS B 354 11.14 -7.72 18.18
CA CYS B 354 10.67 -8.01 16.82
C CYS B 354 10.57 -9.50 16.59
N LEU B 355 11.58 -10.23 17.08
CA LEU B 355 11.67 -11.66 16.85
C LEU B 355 10.67 -12.44 17.70
N ARG B 356 10.34 -11.91 18.88
CA ARG B 356 9.29 -12.46 19.77
C ARG B 356 7.90 -12.14 19.28
N PHE B 357 7.67 -10.86 19.00
CA PHE B 357 6.36 -10.38 18.61
C PHE B 357 5.89 -11.06 17.35
N GLU B 358 6.72 -11.05 16.30
CA GLU B 358 6.38 -11.69 15.03
C GLU B 358 7.51 -12.55 14.52
N PRO B 359 7.63 -13.81 15.01
CA PRO B 359 8.67 -14.73 14.49
C PRO B 359 8.57 -14.81 12.97
N PRO B 360 9.70 -14.70 12.26
CA PRO B 360 9.63 -14.72 10.79
C PRO B 360 9.22 -16.08 10.19
N VAL B 361 9.69 -17.17 10.77
CA VAL B 361 9.30 -18.52 10.34
C VAL B 361 8.45 -19.12 11.46
N THR B 362 7.16 -19.31 11.17
CA THR B 362 6.18 -19.55 12.24
C THR B 362 5.80 -21.00 12.50
N ALA B 363 6.08 -21.89 11.56
CA ALA B 363 5.64 -23.29 11.64
C ALA B 363 6.79 -24.26 11.90
N GLN B 364 6.80 -24.88 13.09
CA GLN B 364 7.81 -25.87 13.43
C GLN B 364 7.18 -27.22 13.69
N TYR B 365 7.81 -28.29 13.17
CA TYR B 365 7.29 -29.67 13.21
C TYR B 365 8.33 -30.62 13.78
N GLY B 366 7.87 -31.73 14.35
CA GLY B 366 8.76 -32.76 14.87
C GLY B 366 7.96 -34.03 15.08
N ARG B 367 8.49 -35.16 14.70
CA ARG B 367 7.73 -36.40 14.82
C ARG B 367 8.21 -37.15 16.06
N ALA B 368 7.29 -37.43 16.98
CA ALA B 368 7.59 -38.13 18.25
C ALA B 368 8.32 -39.43 17.97
N LYS B 369 9.53 -39.55 18.49
CA LYS B 369 10.35 -40.75 18.35
C LYS B 369 9.89 -41.83 19.31
N LYS B 370 9.15 -41.44 20.34
CA LYS B 370 8.71 -42.36 21.41
C LYS B 370 7.46 -41.79 22.08
N ASP B 371 6.82 -42.57 22.94
CA ASP B 371 5.67 -42.09 23.67
C ASP B 371 6.12 -40.92 24.54
N LEU B 372 5.30 -39.87 24.58
CA LEU B 372 5.69 -38.64 25.26
C LEU B 372 4.58 -38.18 26.16
N VAL B 373 4.95 -37.59 27.30
CA VAL B 373 3.99 -36.83 28.07
C VAL B 373 4.38 -35.36 27.86
N ILE B 374 3.47 -34.57 27.30
CA ILE B 374 3.76 -33.17 27.03
C ILE B 374 2.94 -32.29 27.96
N GLU B 375 3.63 -31.39 28.65
CA GLU B 375 2.99 -30.51 29.60
C GLU B 375 2.72 -29.17 28.99
N SER B 376 1.49 -28.72 29.16
CA SER B 376 1.05 -27.39 28.84
C SER B 376 0.99 -26.62 30.17
N HIS B 377 0.37 -25.44 30.18
CA HIS B 377 0.24 -24.69 31.43
C HIS B 377 -0.77 -25.31 32.40
N ASP B 378 -1.82 -25.95 31.88
CA ASP B 378 -2.88 -26.52 32.72
C ASP B 378 -2.98 -28.05 32.76
N ALA B 379 -2.49 -28.73 31.74
CA ALA B 379 -2.59 -30.18 31.66
C ALA B 379 -1.32 -30.85 31.14
N ALA B 380 -1.26 -32.18 31.26
CA ALA B 380 -0.24 -32.99 30.59
C ALA B 380 -0.96 -33.88 29.60
N PHE B 381 -0.31 -34.22 28.49
CA PHE B 381 -0.96 -34.94 27.40
C PHE B 381 -0.05 -36.05 26.93
N LYS B 382 -0.62 -37.25 26.82
CA LYS B 382 0.12 -38.39 26.29
C LYS B 382 0.11 -38.40 24.77
N VAL B 383 1.31 -38.50 24.20
CA VAL B 383 1.51 -38.54 22.76
C VAL B 383 2.19 -39.87 22.39
N LYS B 384 1.69 -40.52 21.35
CA LYS B 384 2.27 -41.80 20.92
C LYS B 384 3.42 -41.61 19.90
N ALA B 385 4.34 -42.57 19.86
CA ALA B 385 5.42 -42.54 18.88
C ALA B 385 4.89 -42.46 17.46
N GLY B 386 5.49 -41.62 16.64
CA GLY B 386 5.07 -41.53 15.23
C GLY B 386 4.03 -40.45 14.97
N GLU B 387 3.40 -39.93 16.03
CA GLU B 387 2.52 -38.76 15.91
C GLU B 387 3.30 -37.52 15.52
N MET B 388 2.81 -36.79 14.52
CA MET B 388 3.42 -35.53 14.12
C MET B 388 3.04 -34.41 15.07
N LEU B 389 4.03 -33.71 15.58
CA LEU B 389 3.79 -32.57 16.43
C LEU B 389 4.02 -31.31 15.61
N TYR B 390 3.21 -30.29 15.87
CA TYR B 390 3.34 -29.02 15.18
C TYR B 390 3.18 -27.90 16.19
N GLY B 391 3.99 -26.85 16.05
CA GLY B 391 3.77 -25.64 16.83
C GLY B 391 3.68 -24.42 15.94
N TYR B 392 2.74 -23.55 16.24
CA TYR B 392 2.67 -22.23 15.63
C TYR B 392 3.38 -21.30 16.58
N GLN B 393 4.60 -20.90 16.22
CA GLN B 393 5.50 -20.16 17.11
C GLN B 393 4.92 -18.89 17.75
N PRO B 394 4.25 -18.01 16.96
CA PRO B 394 3.67 -16.78 17.56
C PRO B 394 2.76 -16.98 18.78
N LEU B 395 2.09 -18.13 18.89
CA LEU B 395 1.29 -18.41 20.07
C LEU B 395 2.14 -18.83 21.25
N ALA B 396 3.32 -19.38 20.99
CA ALA B 396 4.26 -19.70 22.07
C ALA B 396 5.01 -18.48 22.56
N THR B 397 5.29 -17.54 21.67
CA THR B 397 6.11 -16.37 22.02
C THR B 397 5.27 -15.15 22.45
N ARG B 398 3.97 -15.16 22.12
CA ARG B 398 3.03 -14.20 22.67
C ARG B 398 2.19 -14.86 23.76
N ASP B 399 2.74 -15.89 24.39
CA ASP B 399 2.04 -16.59 25.44
C ASP B 399 1.85 -15.66 26.64
N PRO B 400 0.58 -15.36 26.99
CA PRO B 400 0.29 -14.46 28.12
C PRO B 400 0.61 -15.04 29.50
N LYS B 401 0.92 -16.34 29.57
CA LYS B 401 1.33 -16.92 30.84
C LYS B 401 2.84 -16.86 31.06
N ILE B 402 3.55 -16.38 30.04
CA ILE B 402 4.99 -16.18 30.07
C ILE B 402 5.33 -14.69 30.02
N PHE B 403 4.64 -13.96 29.15
CA PHE B 403 4.91 -12.54 28.99
C PHE B 403 3.74 -11.71 29.45
N ASP B 404 4.05 -10.68 30.22
CA ASP B 404 3.08 -9.64 30.54
C ASP B 404 2.90 -8.83 29.27
N ARG B 405 1.68 -8.35 29.02
CA ARG B 405 1.36 -7.55 27.83
C ARG B 405 1.86 -8.22 26.56
N ALA B 406 1.55 -9.51 26.44
CA ALA B 406 2.17 -10.35 25.43
C ALA B 406 1.88 -9.93 24.01
N ASP B 407 0.71 -9.34 23.79
CA ASP B 407 0.29 -8.87 22.46
C ASP B 407 0.66 -7.40 22.19
N GLU B 408 1.56 -6.87 23.00
CA GLU B 408 2.05 -5.54 22.76
C GLU B 408 3.49 -5.61 22.35
N PHE B 409 3.85 -4.77 21.38
CA PHE B 409 5.25 -4.57 21.02
C PHE B 409 5.88 -3.59 22.04
N VAL B 410 6.74 -4.13 22.92
CA VAL B 410 7.34 -3.38 24.03
C VAL B 410 8.86 -3.35 23.80
N PRO B 411 9.35 -2.26 23.18
CA PRO B 411 10.75 -2.10 22.73
C PRO B 411 11.75 -2.45 23.83
N GLU B 412 11.41 -2.09 25.06
CA GLU B 412 12.33 -2.26 26.16
C GLU B 412 12.14 -3.59 26.93
N ARG B 413 11.36 -4.51 26.35
CA ARG B 413 11.03 -5.78 27.02
C ARG B 413 12.25 -6.55 27.60
N PHE B 414 13.37 -6.54 26.89
CA PHE B 414 14.48 -7.42 27.23
C PHE B 414 15.70 -6.68 27.82
N VAL B 415 15.50 -5.40 28.15
CA VAL B 415 16.53 -4.56 28.76
C VAL B 415 16.80 -4.99 30.20
N GLY B 416 18.08 -5.08 30.58
CA GLY B 416 18.46 -5.39 31.96
C GLY B 416 18.25 -6.84 32.40
N GLU B 417 18.75 -7.14 33.60
CA GLU B 417 18.88 -8.52 34.09
C GLU B 417 17.58 -9.34 34.14
N GLU B 418 16.48 -8.71 34.57
CA GLU B 418 15.15 -9.37 34.57
C GLU B 418 14.59 -9.61 33.16
N GLY B 419 14.72 -8.62 32.28
CA GLY B 419 14.30 -8.76 30.88
C GLY B 419 15.11 -9.79 30.14
N GLU B 420 16.42 -9.80 30.38
CA GLU B 420 17.35 -10.76 29.77
C GLU B 420 17.00 -12.20 30.10
N LYS B 421 16.38 -12.41 31.25
CA LYS B 421 16.01 -13.75 31.68
C LYS B 421 14.90 -14.36 30.80
N LEU B 422 14.05 -13.52 30.23
CA LEU B 422 12.94 -13.97 29.40
C LEU B 422 13.41 -14.44 28.01
N LEU B 423 14.70 -14.30 27.73
CA LEU B 423 15.25 -14.64 26.42
C LEU B 423 15.15 -16.13 26.09
N ARG B 424 15.02 -16.97 27.09
CA ARG B 424 14.84 -18.40 26.83
C ARG B 424 13.46 -18.68 26.22
N HIS B 425 12.55 -17.71 26.26
CA HIS B 425 11.23 -17.83 25.64
C HIS B 425 11.08 -17.19 24.25
N VAL B 426 12.19 -16.66 23.70
CA VAL B 426 12.28 -16.17 22.32
C VAL B 426 12.84 -17.31 21.48
N LEU B 427 12.06 -17.73 20.47
CA LEU B 427 12.20 -19.05 19.86
C LEU B 427 12.46 -19.03 18.35
N TRP B 428 12.76 -17.86 17.78
CA TRP B 428 12.69 -17.66 16.31
C TRP B 428 13.57 -18.66 15.56
N SER B 429 14.65 -19.07 16.21
CA SER B 429 15.72 -19.87 15.58
C SER B 429 15.48 -21.37 15.72
N ASN B 430 14.30 -21.75 16.23
CA ASN B 430 13.99 -23.16 16.52
C ASN B 430 14.84 -23.65 17.72
N GLY B 431 14.88 -22.80 18.74
CA GLY B 431 15.58 -23.09 19.97
C GLY B 431 15.43 -21.86 20.85
N PRO B 432 15.66 -21.99 22.18
CA PRO B 432 15.70 -20.82 23.03
C PRO B 432 16.84 -19.89 22.62
N GLU B 433 16.65 -18.59 22.75
CA GLU B 433 17.68 -17.63 22.34
C GLU B 433 18.97 -17.72 23.21
N THR B 434 18.86 -18.43 24.33
CA THR B 434 19.95 -18.64 25.26
C THR B 434 20.76 -19.88 24.87
N GLU B 435 20.23 -20.68 23.95
CA GLU B 435 20.94 -21.87 23.48
C GLU B 435 21.62 -21.56 22.18
N THR B 436 22.50 -22.43 21.75
CA THR B 436 23.32 -22.13 20.59
C THR B 436 23.25 -23.30 19.58
N PRO B 437 23.24 -22.99 18.27
CA PRO B 437 23.16 -24.09 17.30
C PRO B 437 24.36 -25.04 17.33
N THR B 438 24.11 -26.33 17.17
CA THR B 438 25.22 -27.30 17.13
C THR B 438 24.96 -28.30 16.03
N VAL B 439 25.95 -29.17 15.78
CA VAL B 439 25.78 -30.26 14.84
C VAL B 439 24.82 -31.35 15.37
N GLY B 440 24.51 -31.30 16.66
CA GLY B 440 23.60 -32.27 17.25
C GLY B 440 22.17 -31.80 17.44
N ASN B 441 21.91 -30.55 17.12
CA ASN B 441 20.53 -30.06 17.20
C ASN B 441 20.06 -29.53 15.83
N LYS B 442 18.81 -29.04 15.82
CA LYS B 442 18.20 -28.53 14.60
C LYS B 442 17.95 -27.02 14.69
N GLN B 443 18.63 -26.38 15.63
CA GLN B 443 18.56 -24.94 15.79
C GLN B 443 19.24 -24.29 14.60
N CYS B 444 18.72 -23.14 14.18
CA CYS B 444 19.21 -22.40 13.03
C CYS B 444 20.75 -22.29 13.04
N ALA B 445 21.40 -22.70 11.95
CA ALA B 445 22.85 -22.60 11.87
C ALA B 445 23.34 -21.15 11.94
N GLY B 446 22.46 -20.21 11.58
CA GLY B 446 22.82 -18.83 11.39
C GLY B 446 22.35 -17.92 12.49
N LYS B 447 22.16 -18.49 13.68
CA LYS B 447 21.48 -17.81 14.78
C LYS B 447 22.14 -16.49 15.17
N ASP B 448 23.45 -16.51 15.39
CA ASP B 448 24.17 -15.32 15.78
C ASP B 448 24.25 -14.29 14.64
N PHE B 449 24.40 -14.79 13.40
CA PHE B 449 24.40 -13.98 12.20
C PHE B 449 23.10 -13.15 12.00
N VAL B 450 21.95 -13.78 12.24
CA VAL B 450 20.65 -13.16 12.06
C VAL B 450 20.48 -12.04 13.09
N VAL B 451 20.76 -12.33 14.35
CA VAL B 451 20.66 -11.34 15.40
C VAL B 451 21.67 -10.21 15.20
N LEU B 452 22.85 -10.54 14.67
CA LEU B 452 23.84 -9.52 14.33
C LEU B 452 23.36 -8.60 13.21
N VAL B 453 22.91 -9.16 12.09
CA VAL B 453 22.50 -8.32 10.96
C VAL B 453 21.21 -7.54 11.27
N ALA B 454 20.31 -8.11 12.06
CA ALA B 454 19.09 -7.40 12.46
C ALA B 454 19.50 -6.18 13.28
N ARG B 455 20.51 -6.36 14.14
CA ARG B 455 21.10 -5.25 14.94
C ARG B 455 21.81 -4.25 14.02
N LEU B 456 22.62 -4.73 13.09
CA LEU B 456 23.27 -3.85 12.12
C LEU B 456 22.24 -3.02 11.35
N PHE B 457 21.08 -3.61 11.09
CA PHE B 457 20.00 -2.96 10.36
C PHE B 457 19.45 -1.75 11.12
N VAL B 458 19.04 -1.97 12.37
CA VAL B 458 18.59 -0.88 13.27
C VAL B 458 19.65 0.21 13.46
N ILE B 459 20.91 -0.23 13.57
CA ILE B 459 22.04 0.71 13.73
C ILE B 459 22.20 1.61 12.49
N GLU B 460 22.06 1.03 11.31
CA GLU B 460 22.14 1.75 10.04
C GLU B 460 21.03 2.78 9.88
N ILE B 461 19.81 2.40 10.24
CA ILE B 461 18.66 3.31 10.19
C ILE B 461 18.88 4.48 11.13
N PHE B 462 19.25 4.23 12.37
CA PHE B 462 19.30 5.31 13.36
C PHE B 462 20.61 6.10 13.44
N ARG B 463 21.65 5.67 12.77
CA ARG B 463 22.74 6.60 12.61
C ARG B 463 22.48 7.57 11.45
N ARG B 464 21.52 7.25 10.59
CA ARG B 464 21.08 8.15 9.49
C ARG B 464 19.90 9.04 9.85
N TYR B 465 18.91 8.49 10.56
CA TYR B 465 17.64 9.15 10.77
C TYR B 465 17.33 9.31 12.23
N ASP B 466 16.75 10.45 12.59
CA ASP B 466 16.22 10.71 13.93
C ASP B 466 14.94 9.94 14.18
N SER B 467 14.17 9.71 13.11
CA SER B 467 12.86 9.02 13.16
C SER B 467 12.34 8.80 11.74
N PHE B 468 11.25 8.02 11.64
CA PHE B 468 10.60 7.72 10.36
C PHE B 468 9.14 7.32 10.54
N ASP B 469 8.37 7.37 9.44
CA ASP B 469 6.97 6.92 9.42
C ASP B 469 6.79 5.85 8.34
N ILE B 470 5.86 4.93 8.59
CA ILE B 470 5.63 3.80 7.70
C ILE B 470 4.16 3.68 7.30
N GLU B 471 3.94 3.02 6.17
CA GLU B 471 2.61 2.81 5.62
C GLU B 471 2.63 1.53 4.79
N VAL B 472 1.79 0.56 5.16
CA VAL B 472 1.64 -0.66 4.38
C VAL B 472 1.01 -0.34 3.03
N GLY B 473 1.58 -0.88 1.96
CA GLY B 473 1.07 -0.66 0.61
C GLY B 473 0.25 -1.84 0.11
N THR B 474 -0.76 -1.55 -0.71
CA THR B 474 -1.57 -2.61 -1.34
C THR B 474 -1.45 -2.56 -2.87
N SER B 475 -1.12 -3.70 -3.46
CA SER B 475 -1.10 -3.86 -4.91
C SER B 475 -1.87 -5.14 -5.26
N PRO B 476 -2.43 -5.20 -6.50
CA PRO B 476 -2.90 -6.49 -7.01
C PRO B 476 -1.96 -7.66 -6.62
N LEU B 477 -0.66 -7.49 -6.86
CA LEU B 477 0.36 -8.56 -6.66
C LEU B 477 0.88 -8.79 -5.22
N GLY B 478 0.22 -8.22 -4.20
CA GLY B 478 0.65 -8.39 -2.78
C GLY B 478 0.78 -7.09 -1.97
N SER B 479 1.45 -7.18 -0.82
CA SER B 479 1.58 -5.99 0.08
C SER B 479 2.96 -5.76 0.75
N SER B 480 3.37 -4.48 0.74
CA SER B 480 4.72 -4.07 1.09
C SER B 480 4.70 -2.96 2.15
N VAL B 481 5.81 -2.82 2.87
CA VAL B 481 6.00 -1.73 3.82
C VAL B 481 6.69 -0.57 3.10
N ASN B 482 6.14 0.62 3.21
CA ASN B 482 6.73 1.84 2.65
C ASN B 482 7.16 2.78 3.76
N PHE B 483 8.17 3.59 3.50
CA PHE B 483 8.46 4.75 4.34
C PHE B 483 7.60 5.90 3.82
N SER B 484 6.89 6.57 4.71
CA SER B 484 6.15 7.76 4.33
C SER B 484 6.87 9.05 4.76
N SER B 485 7.81 8.91 5.70
CA SER B 485 8.79 9.98 6.00
C SER B 485 10.12 9.46 6.54
N LEU B 486 11.20 10.14 6.17
CA LEU B 486 12.55 9.81 6.61
C LEU B 486 13.27 11.05 7.11
N ARG B 487 13.20 11.29 8.42
CA ARG B 487 13.83 12.47 9.07
C ARG B 487 15.32 12.29 9.39
N LYS B 488 16.17 12.93 8.58
CA LYS B 488 17.63 12.77 8.67
C LYS B 488 18.30 13.53 9.82
N ALA B 489 19.47 13.02 10.23
CA ALA B 489 20.52 13.77 10.95
C ALA B 489 20.17 14.20 12.37
CHA HEM C . -16.46 22.54 -13.46
CHB HEM C . -13.90 20.06 -10.07
CHC HEM C . -18.12 18.90 -7.91
CHD HEM C . -20.72 21.18 -11.34
C1A HEM C . -15.41 22.01 -12.72
C2A HEM C . -13.99 22.19 -13.01
C3A HEM C . -13.28 21.52 -12.09
C4A HEM C . -14.21 20.87 -11.16
CMA HEM C . -11.71 21.45 -12.01
CAA HEM C . -13.45 23.03 -14.19
CBA HEM C . -13.50 22.23 -15.50
CGA HEM C . -12.71 22.94 -16.58
O1A HEM C . -11.53 22.51 -16.83
O2A HEM C . -13.27 23.94 -17.16
C1B HEM C . -14.82 19.41 -9.25
C2B HEM C . -14.60 18.36 -8.25
C3B HEM C . -15.78 18.07 -7.66
C4B HEM C . -16.78 18.89 -8.26
CMB HEM C . -13.21 17.74 -7.94
CAB HEM C . -16.10 17.03 -6.55
CBB HEM C . -15.34 16.92 -5.45
C1C HEM C . -19.17 19.53 -8.55
C2C HEM C . -20.53 19.72 -8.07
C3C HEM C . -21.26 20.33 -9.00
C4C HEM C . -20.39 20.58 -10.13
CMC HEM C . -21.10 19.29 -6.68
CAC HEM C . -22.76 20.66 -8.78
CBC HEM C . -23.55 21.02 -9.77
C1D HEM C . -19.82 21.71 -12.26
C2D HEM C . -20.18 22.40 -13.48
C3D HEM C . -18.88 22.84 -14.13
C4D HEM C . -17.84 22.38 -13.25
CMD HEM C . -21.60 22.69 -14.02
CAD HEM C . -18.75 23.65 -15.43
CBD HEM C . -18.90 25.13 -15.01
CGD HEM C . -19.27 26.08 -16.14
O1D HEM C . -19.44 25.63 -17.32
O2D HEM C . -19.38 27.31 -15.85
NA HEM C . -15.50 21.21 -11.59
NB HEM C . -16.18 19.67 -9.22
NC HEM C . -19.11 20.08 -9.82
ND HEM C . -18.44 21.73 -12.17
FE HEM C . -17.32 20.98 -10.57
O1 T25 D . -6.91 15.37 -14.97
C1 T25 D . -7.18 14.54 -14.05
O2 T25 D . -7.23 14.83 -12.83
C2 T25 D . -7.46 13.10 -14.46
C3 T25 D . -8.89 12.69 -14.08
C4 T25 D . -9.99 13.56 -14.70
C5 T25 D . -9.72 13.91 -16.17
C6 T25 D . -10.95 14.48 -16.86
C7 T25 D . -10.93 16.01 -16.91
C8 T25 D . -12.29 16.51 -16.41
C9 T25 D . -12.22 18.01 -16.19
C10 T25 D . -13.03 18.54 -15.02
C11 T25 D . -13.83 17.52 -14.24
C12 T25 D . -14.64 18.26 -13.17
O3 T25 D . -16.06 18.11 -13.36
C13 T25 D . -15.50 17.38 -12.25
C14 T25 D . -15.51 15.90 -12.59
C15 T25 D . -14.50 15.07 -11.78
C16 T25 D . -13.80 14.07 -12.74
C17 T25 D . -14.67 12.83 -12.93
C18 T25 D . -13.88 11.55 -12.76
CHA HEM E . 16.96 -23.73 10.37
CHB HEM E . 14.88 -19.33 10.77
CHC HEM E . 18.88 -17.41 8.71
CHD HEM E . 20.86 -21.76 8.06
C1A HEM E . 16.05 -22.73 10.69
C2A HEM E . 14.75 -22.88 11.35
C3A HEM E . 14.17 -21.67 11.48
C4A HEM E . 15.07 -20.69 10.89
CMA HEM E . 12.80 -21.38 12.12
CAA HEM E . 14.13 -24.21 11.86
CBA HEM E . 13.66 -24.99 10.64
CGA HEM E . 12.90 -26.19 11.13
O1A HEM E . 11.65 -26.08 11.22
O2A HEM E . 13.55 -27.24 11.41
C1B HEM E . 15.76 -18.42 10.16
C2B HEM E . 15.49 -17.01 9.88
C3B HEM E . 16.59 -16.49 9.30
C4B HEM E . 17.59 -17.56 9.19
CMB HEM E . 14.15 -16.30 10.20
CAB HEM E . 16.81 -15.03 8.80
CBB HEM E . 16.20 -13.96 9.31
C1C HEM E . 19.83 -18.38 8.50
C2C HEM E . 21.23 -18.17 8.19
C3C HEM E . 21.81 -19.37 7.99
C4C HEM E . 20.78 -20.39 8.17
CMC HEM E . 21.97 -16.84 8.12
CAC HEM E . 23.32 -19.52 7.61
CBC HEM E . 23.97 -20.66 7.51
C1D HEM E . 19.99 -22.69 8.59
C2D HEM E . 20.18 -24.12 8.51
C3D HEM E . 18.97 -24.73 9.21
C4D HEM E . 18.15 -23.62 9.66
CMD HEM E . 21.35 -24.88 7.86
CAD HEM E . 18.74 -26.24 9.43
CBD HEM E . 19.61 -26.55 10.66
CGD HEM E . 19.90 -28.04 10.83
O1D HEM E . 19.52 -28.84 9.94
O2D HEM E . 20.52 -28.41 11.88
NA HEM E . 16.20 -21.38 10.42
NB HEM E . 17.05 -18.70 9.72
NC HEM E . 19.60 -19.75 8.48
ND HEM E . 18.78 -22.44 9.26
FE HEM E . 18.02 -20.54 9.70
C1 GOL F . 27.32 -37.98 -3.37
O1 GOL F . 26.19 -38.08 -4.21
C2 GOL F . 27.68 -36.52 -3.14
O2 GOL F . 27.78 -35.82 -4.36
C3 GOL F . 28.97 -36.37 -2.32
O3 GOL F . 28.87 -35.22 -1.48
#